data_9NDQ
#
_entry.id   9NDQ
#
_cell.length_a   1.00
_cell.length_b   1.00
_cell.length_c   1.00
_cell.angle_alpha   90.00
_cell.angle_beta   90.00
_cell.angle_gamma   90.00
#
_symmetry.space_group_name_H-M   'P 1'
#
loop_
_entity.id
_entity.type
_entity.pdbx_description
1 polymer 'DNA primase'
2 polymer 'DNA helicase/primase complex-associated protein'
#
loop_
_entity_poly.entity_id
_entity_poly.type
_entity_poly.pdbx_seq_one_letter_code
_entity_poly.pdbx_strand_id
1 'polypeptide(L)'
;GQEDGNRGERRAAGTPVEVTALYATDGCVITSSIALLTNSLLGAEPVYIFSYDAYTHDGRADGPTEQDRFEESRALYQAS
GGLNGDSFRVTFCLLGTEVGGTHQARGRTRPMFVCRFERADDVAALQDALAHGTPLQPDHIAATLDAEATFALHANMILA
LTVAINNASPRTGRDAAAAQYDQGASLRSLVGRTSLGQRGLTTLYVHHEVRVLAAYRRAYYGSAQSPFWFLSKFGPDEKS
LVLTTRYYLLQAQRLGGAGATYDLQAIKDICATYAIPHAPRPDTVSAASLTSFAAITRFCCTSQYARGAAAAGFPLYVER
RIAADVRETSALEKFITHDRSCLRVSDREFITYIYLAHFECFSPPRLATHLRAVTTHDPNPAASTEQPSPLGREAVEQFF
CHVRAQLNIGEYVKHNVTPRETVLDGDTAKAYLRARTYAPGALTPAPAYCGAVDSATKMMGRLADAEKLLVPRGWPAFAP
ASPGEDTAGGTPPPQTCGIVKRLLRLAATEQQGPTPPAIAALIRNAAVQTPLPVYRISMVPTGQAFAALAWDDWARITRD
ARLAEAVVSAEAAAHPDHGALGRRLTDRIRAQGPVMPPGGLDAGGQMYVNRNEIFNGALAITNIILDLDIALKEPVPFRR
LHEALGHFRRGALAAVQLLFPAARVDPDAYPCYFFKSACRPGPASVGSGSGLGNDDDGDWFPCYDDAGDEEWAEDPGAMD
TSHDPPDDEVAYFDLCHEVGPTAEPRETDSPVCSCTDKIGLRVCMPVPAPYVVHGSLTMRGVARVIQQAVLLDRDFVEAI
GSYVKNFLLIDTGVYAHGHSLRLPYFAKIAPDGPACGRLLPVFVIPPACKDVPAFVAAHADPRRFHFHAPPTYLASPREI
RVLHSLGGDYVSFFERKASRNALEHFGRRETLTEVLGRYNVQPDAGGTVEGFASELLGRIVACIETHFPEHAGEYQAVSV
RRAVSKDDWVLLQLVPVRGTLQQSLSCLRFKHGRASRATARTFVALSVGANNRLCVSLCQQCFAAKCDSNRLHTLFTIDA
GTPCSPSVPCSTSQPSS
;
A
2 'polypeptide(L)'
;MDTADIVWVEESVSAITLYAVWLPPAREYFHALVYFVCRNAAGEGRARFAEVSVTATELRDFYGSADVSVQAVVAAARAA
TTPAASPLEPLENPTLWRALYACVLAALERQTGPVALFAPLRIGSDPRTGLVVKVERAWGPPAAPRAALLVAEANIDIDP
MALAARVAEHPDARLAWARLAAIRDTPQCASAASLTVNITTGTALFAREYQTLAFPPIKKEGAFGDLVEVCEVGLRPRGH
PQRVTARVLLPRDYDYFVSAGEKFSAPALVALFRQWHTTVHAAPALAPVFAFLGPEFEVRGGPVPYFAVLGFPGWPTFTV
PATAESARDLVRGAAAAYAALLGAWPAVGARVVLPPRAWPGVASAAAGCLLPAVREAVARWHPATKIIQLLDPPAAVGPV
WTARFCFPGLRAQLLAALADLGGSGLADPHGRTGLARLDALVVAAPSEPWAGAVLERLVPDTCNACPALRQLLGGVMAAV
CLQIEETASSVKFAVCGGDGGAFWGVFNVDPQDADAASGVIEDARRAIETAVGAVLRANAVRLRHPLCLALEGVYTHAVA
WSQAGVWFWNSRDNTDHLGGFPLRGPAYTTAAGVVRDTLRRVLGLTTACVPEEDALTARGLMEDACDRLILDAFNKRLDA
EYWSVRVSPFEASDPLPPTAFRGGALLDAEHYWRRVVRVCPGGGESVGVPVDLYPRPLVLPPVDCAHHLREILREIELVF
TGVLAGVWGEGGKFVYPFDDKMSFLFA
;
C
#
# COMPACT_ATOMS: atom_id res chain seq x y z
N ASN A 408 13.07 -3.36 53.20
CA ASN A 408 13.86 -2.36 52.48
C ASN A 408 13.13 -1.89 51.25
N ILE A 409 13.84 -1.17 50.40
CA ILE A 409 13.30 -0.77 49.11
C ILE A 409 13.87 -1.61 47.97
N GLY A 410 15.12 -2.08 48.08
CA GLY A 410 15.61 -3.03 47.11
C GLY A 410 14.70 -4.24 47.00
N GLU A 411 14.14 -4.67 48.12
CA GLU A 411 13.25 -5.80 48.09
C GLU A 411 11.98 -5.49 47.33
N TYR A 412 11.41 -4.30 47.54
CA TYR A 412 10.16 -3.95 46.89
C TYR A 412 10.34 -3.84 45.39
N VAL A 413 11.43 -3.20 44.94
CA VAL A 413 11.71 -3.12 43.51
C VAL A 413 12.40 -4.35 42.99
N LYS A 414 12.58 -5.37 43.84
CA LYS A 414 13.02 -6.68 43.39
C LYS A 414 11.85 -7.60 43.16
N HIS A 415 10.79 -7.44 43.94
CA HIS A 415 9.60 -8.27 43.75
C HIS A 415 8.50 -7.59 42.98
N ASN A 416 8.22 -6.32 43.25
CA ASN A 416 6.99 -5.70 42.79
C ASN A 416 7.17 -4.82 41.56
N VAL A 417 8.28 -4.92 40.86
CA VAL A 417 8.43 -4.17 39.62
C VAL A 417 9.15 -5.05 38.62
N THR A 418 8.73 -4.97 37.36
CA THR A 418 9.31 -5.74 36.27
C THR A 418 9.67 -4.77 35.16
N PRO A 419 10.91 -4.28 35.15
CA PRO A 419 11.34 -3.37 34.07
C PRO A 419 11.36 -4.03 32.70
N ARG A 420 10.79 -3.32 31.72
CA ARG A 420 11.08 -3.56 30.31
C ARG A 420 11.67 -2.31 29.69
N GLU A 421 12.87 -2.44 29.15
CA GLU A 421 13.56 -1.35 28.49
C GLU A 421 13.98 -1.80 27.10
N THR A 422 14.00 -0.87 26.16
CA THR A 422 14.44 -1.14 24.80
C THR A 422 15.49 -0.12 24.40
N VAL A 423 16.73 -0.57 24.23
CA VAL A 423 17.84 0.33 23.93
C VAL A 423 17.71 0.74 22.48
N LEU A 424 17.14 1.91 22.22
CA LEU A 424 17.27 2.45 20.88
C LEU A 424 18.64 3.07 20.75
N ASP A 425 19.04 3.33 19.50
CA ASP A 425 20.43 3.66 19.28
C ASP A 425 20.55 4.50 18.02
N GLY A 426 21.66 5.22 17.95
CA GLY A 426 21.98 5.94 16.74
C GLY A 426 20.92 6.95 16.38
N ASP A 427 20.53 6.95 15.12
CA ASP A 427 19.57 7.93 14.64
C ASP A 427 18.17 7.63 15.11
N THR A 428 17.84 6.37 15.36
CA THR A 428 16.50 6.06 15.86
C THR A 428 16.28 6.69 17.21
N ALA A 429 17.37 6.91 17.97
CA ALA A 429 17.25 7.62 19.23
C ALA A 429 16.79 9.05 19.01
N LYS A 430 17.46 9.79 18.13
CA LYS A 430 17.05 11.16 17.85
C LYS A 430 15.64 11.21 17.30
N ALA A 431 15.31 10.29 16.39
CA ALA A 431 13.97 10.26 15.85
C ALA A 431 12.96 10.03 16.94
N TYR A 432 13.25 9.14 17.88
CA TYR A 432 12.26 8.88 18.91
C TYR A 432 12.07 10.10 19.79
N LEU A 433 13.18 10.74 20.16
CA LEU A 433 13.10 11.91 21.01
C LEU A 433 12.30 13.01 20.34
N ARG A 434 12.59 13.28 19.07
CA ARG A 434 11.89 14.34 18.37
C ARG A 434 10.45 13.99 18.14
N ALA A 435 10.16 12.72 17.95
CA ALA A 435 8.82 12.34 17.58
C ALA A 435 7.90 12.30 18.78
N ARG A 436 8.37 11.83 19.92
CA ARG A 436 7.42 11.62 21.00
C ARG A 436 7.53 12.60 22.15
N THR A 437 8.31 13.66 22.02
CA THR A 437 8.36 14.76 22.98
C THR A 437 7.97 16.05 22.27
N TYR A 438 7.65 17.07 23.06
CA TYR A 438 7.34 18.38 22.49
C TYR A 438 8.50 18.88 21.63
N ALA A 439 8.18 19.78 20.72
CA ALA A 439 9.18 20.27 19.79
C ALA A 439 10.23 21.08 20.54
N PRO A 440 11.42 21.22 19.96
CA PRO A 440 12.48 21.95 20.65
C PRO A 440 12.24 23.44 20.76
N GLY A 441 11.05 23.93 20.41
CA GLY A 441 10.74 25.32 20.64
C GLY A 441 9.38 25.51 21.24
N ALA A 442 8.71 24.41 21.58
CA ALA A 442 7.42 24.51 22.22
C ALA A 442 7.53 25.08 23.61
N LEU A 443 8.67 24.91 24.26
CA LEU A 443 8.85 25.37 25.62
C LEU A 443 9.99 26.37 25.76
N THR A 444 10.71 26.70 24.70
CA THR A 444 11.56 27.87 24.71
C THR A 444 10.69 29.12 24.63
N PRO A 445 11.01 30.15 25.40
CA PRO A 445 10.09 31.29 25.54
C PRO A 445 9.88 32.01 24.23
N ALA A 446 8.88 32.89 24.20
CA ALA A 446 8.55 33.60 22.98
C ALA A 446 7.84 34.89 23.33
N PRO A 447 7.93 35.92 22.48
CA PRO A 447 7.25 37.20 22.79
C PRO A 447 5.75 37.09 22.96
N ALA A 448 5.05 36.25 22.21
CA ALA A 448 3.62 36.08 22.39
C ALA A 448 3.19 34.72 21.88
N TYR A 449 2.02 34.28 22.32
CA TYR A 449 1.61 32.92 22.06
C TYR A 449 1.05 32.75 20.65
N CYS A 450 1.37 31.61 20.03
CA CYS A 450 0.65 31.15 18.85
C CYS A 450 -0.02 29.84 19.22
N GLY A 451 -1.32 29.88 19.37
CA GLY A 451 -2.01 28.74 19.92
C GLY A 451 -3.45 28.70 19.54
N ALA A 452 -4.17 27.79 20.17
CA ALA A 452 -5.54 27.52 19.80
C ALA A 452 -6.31 27.49 21.11
N VAL A 453 -6.74 28.65 21.56
CA VAL A 453 -7.37 28.80 22.86
C VAL A 453 -8.79 29.28 22.67
N ASP A 454 -9.72 28.51 23.21
CA ASP A 454 -11.11 28.87 23.24
C ASP A 454 -11.78 27.99 24.27
N SER A 455 -13.03 28.28 24.53
CA SER A 455 -13.83 27.50 25.45
C SER A 455 -14.05 26.12 24.85
N ALA A 456 -14.82 25.30 25.56
CA ALA A 456 -15.10 23.97 25.05
C ALA A 456 -15.83 24.04 23.73
N THR A 457 -16.93 24.78 23.69
CA THR A 457 -17.78 24.81 22.51
C THR A 457 -17.06 25.43 21.33
N LYS A 458 -16.38 26.55 21.53
CA LYS A 458 -15.69 27.14 20.39
C LYS A 458 -14.54 26.29 19.93
N MET A 459 -13.97 25.47 20.82
CA MET A 459 -12.91 24.58 20.38
C MET A 459 -13.49 23.44 19.57
N MET A 460 -14.66 22.95 19.97
CA MET A 460 -15.30 21.91 19.17
C MET A 460 -15.62 22.44 17.79
N GLY A 461 -16.05 23.68 17.72
CA GLY A 461 -16.29 24.29 16.42
C GLY A 461 -15.03 24.42 15.59
N ARG A 462 -13.96 24.91 16.21
CA ARG A 462 -12.75 25.15 15.44
C ARG A 462 -12.11 23.85 14.99
N LEU A 463 -12.31 22.79 15.76
CA LEU A 463 -11.95 21.47 15.31
C LEU A 463 -12.79 21.06 14.11
N ALA A 464 -14.11 21.27 14.19
CA ALA A 464 -14.96 20.92 13.06
C ALA A 464 -14.58 21.70 11.82
N ASP A 465 -14.00 22.88 12.00
CA ASP A 465 -13.65 23.73 10.83
C ASP A 465 -12.25 23.38 10.35
N ALA A 466 -11.52 22.62 11.15
CA ALA A 466 -10.16 22.19 10.75
C ALA A 466 -10.30 20.86 10.00
N GLU A 467 -11.34 20.11 10.31
CA GLU A 467 -11.55 18.80 9.64
C GLU A 467 -11.71 19.05 8.15
N LYS A 468 -12.47 20.08 7.78
CA LYS A 468 -12.74 20.32 6.34
C LYS A 468 -11.40 20.52 5.64
N LEU A 469 -10.46 21.19 6.29
CA LEU A 469 -9.11 21.42 5.69
C LEU A 469 -8.36 20.09 5.65
N LEU A 470 -8.68 19.16 6.56
CA LEU A 470 -8.04 17.82 6.57
C LEU A 470 -8.89 16.86 5.75
N VAL A 471 -8.67 16.83 4.43
CA VAL A 471 -9.51 15.98 3.53
C VAL A 471 -9.10 14.50 3.64
N PRO A 472 -7.81 14.11 3.50
CA PRO A 472 -7.38 12.70 3.69
C PRO A 472 -7.67 12.09 5.07
N ARG A 473 -7.69 12.91 6.13
CA ARG A 473 -7.84 12.39 7.50
C ARG A 473 -9.23 11.76 7.68
N GLY A 474 -9.34 10.75 8.54
CA GLY A 474 -10.66 10.18 8.82
C GLY A 474 -11.59 11.24 9.36
N TRP A 475 -12.89 11.13 9.12
CA TRP A 475 -13.87 12.16 9.54
C TRP A 475 -13.64 13.44 8.73
N ARG A 502 -12.81 15.65 22.37
CA ARG A 502 -12.24 16.96 22.09
C ARG A 502 -10.95 17.09 22.87
N LEU A 503 -10.79 16.24 23.87
CA LEU A 503 -9.51 16.13 24.56
C LEU A 503 -8.72 14.93 24.09
N LEU A 504 -9.37 13.95 23.46
CA LEU A 504 -8.64 12.96 22.68
C LEU A 504 -8.23 13.54 21.33
N ARG A 505 -9.10 14.32 20.70
CA ARG A 505 -8.84 14.82 19.35
C ARG A 505 -7.79 15.92 19.33
N LEU A 506 -7.85 16.84 20.30
CA LEU A 506 -6.74 17.78 20.43
C LEU A 506 -5.47 17.05 20.75
N ALA A 507 -5.53 16.11 21.67
CA ALA A 507 -4.32 15.38 21.99
C ALA A 507 -3.87 14.52 20.84
N ALA A 508 -4.79 14.19 19.93
CA ALA A 508 -4.44 13.38 18.78
C ALA A 508 -3.69 14.19 17.72
N THR A 509 -4.07 15.44 17.51
CA THR A 509 -3.69 16.19 16.32
C THR A 509 -2.19 16.51 16.40
N GLU A 510 -1.37 15.50 16.07
CA GLU A 510 0.10 15.61 16.01
C GLU A 510 0.65 14.81 14.82
N GLN A 511 1.75 15.33 14.25
CA GLN A 511 2.42 14.86 13.04
C GLN A 511 3.46 15.90 12.64
N GLN A 512 4.47 15.62 11.84
CA GLN A 512 4.93 16.78 11.09
C GLN A 512 5.07 16.63 9.57
N GLY A 513 5.86 15.69 9.10
CA GLY A 513 6.20 15.61 7.69
C GLY A 513 7.23 16.67 7.35
N PRO A 514 7.51 16.87 6.07
CA PRO A 514 8.35 18.00 5.65
C PRO A 514 7.61 19.27 5.26
N THR A 515 6.31 19.36 5.56
CA THR A 515 5.42 20.49 5.32
C THR A 515 4.88 20.91 6.69
N PRO A 516 4.05 21.94 6.82
CA PRO A 516 3.51 22.28 8.13
C PRO A 516 2.68 21.13 8.69
N PRO A 517 2.66 20.97 9.99
CA PRO A 517 1.90 19.88 10.60
C PRO A 517 0.41 20.06 10.45
N ALA A 518 -0.30 19.04 10.90
CA ALA A 518 -1.75 19.01 10.78
C ALA A 518 -2.44 19.92 11.78
N ILE A 519 -1.76 20.28 12.86
CA ILE A 519 -2.38 21.17 13.85
C ILE A 519 -2.57 22.55 13.26
N ALA A 520 -1.71 22.94 12.31
CA ALA A 520 -1.69 24.26 11.71
C ALA A 520 -3.03 24.66 11.11
N ALA A 521 -3.89 23.68 10.85
CA ALA A 521 -5.23 24.01 10.41
C ALA A 521 -6.05 24.60 11.52
N LEU A 522 -5.71 24.29 12.77
CA LEU A 522 -6.42 24.79 13.94
C LEU A 522 -5.72 25.98 14.55
N ILE A 523 -4.40 25.92 14.65
CA ILE A 523 -3.63 27.02 15.20
C ILE A 523 -3.61 28.20 14.24
N ARG A 524 -3.52 27.93 12.94
CA ARG A 524 -3.61 28.90 11.87
C ARG A 524 -2.32 29.69 11.68
N ASN A 525 -1.17 29.14 12.07
CA ASN A 525 0.13 29.54 11.53
C ASN A 525 0.65 28.43 10.64
N ALA A 526 1.79 28.69 10.00
CA ALA A 526 2.43 27.71 9.14
C ALA A 526 3.82 27.33 9.64
N ALA A 527 4.31 27.98 10.70
CA ALA A 527 5.59 27.64 11.31
C ALA A 527 5.42 26.97 12.66
N VAL A 528 4.23 26.42 12.91
CA VAL A 528 4.03 25.58 14.06
C VAL A 528 4.93 24.36 13.95
N GLN A 529 5.22 23.77 15.10
CA GLN A 529 5.97 22.52 15.16
C GLN A 529 5.36 21.64 16.24
N THR A 530 5.42 20.35 16.02
CA THR A 530 4.79 19.37 16.90
C THR A 530 5.76 18.29 17.32
N PRO A 531 5.44 17.53 18.38
CA PRO A 531 4.30 17.61 19.29
C PRO A 531 4.29 18.88 20.11
N LEU A 532 3.15 19.31 20.60
CA LEU A 532 3.06 20.59 21.29
C LEU A 532 2.04 20.46 22.40
N PRO A 533 2.13 21.31 23.42
CA PRO A 533 1.33 21.11 24.63
C PRO A 533 -0.15 21.33 24.41
N VAL A 534 -0.94 20.69 25.26
CA VAL A 534 -2.37 20.90 25.33
C VAL A 534 -2.73 21.10 26.79
N TYR A 535 -3.55 22.09 27.07
CA TYR A 535 -3.78 22.56 28.42
C TYR A 535 -5.27 22.63 28.72
N ARG A 536 -5.62 22.34 29.95
CA ARG A 536 -7.00 22.50 30.40
C ARG A 536 -7.06 23.65 31.37
N ILE A 537 -8.04 24.53 31.17
CA ILE A 537 -8.10 25.83 31.80
C ILE A 537 -9.45 25.95 32.48
N SER A 538 -9.44 25.97 33.79
CA SER A 538 -10.66 26.26 34.51
C SER A 538 -11.00 27.73 34.34
N MET A 539 -12.27 28.04 34.22
CA MET A 539 -12.72 29.41 34.01
C MET A 539 -13.69 29.82 35.11
N VAL A 540 -13.47 31.00 35.66
CA VAL A 540 -14.49 31.61 36.51
C VAL A 540 -15.66 32.02 35.63
N PRO A 541 -16.91 31.78 36.04
CA PRO A 541 -17.34 31.14 37.27
C PRO A 541 -17.40 29.62 37.17
N THR A 542 -17.47 29.09 35.95
CA THR A 542 -17.53 27.67 35.72
C THR A 542 -17.22 27.40 34.26
N GLY A 543 -16.83 26.18 33.96
CA GLY A 543 -16.59 25.81 32.59
C GLY A 543 -15.12 25.57 32.31
N GLN A 544 -14.86 24.89 31.21
CA GLN A 544 -13.51 24.47 30.89
C GLN A 544 -13.13 24.92 29.50
N ALA A 545 -11.90 25.41 29.37
CA ALA A 545 -11.32 25.78 28.11
C ALA A 545 -10.03 25.01 27.90
N PHE A 546 -9.65 24.84 26.64
CA PHE A 546 -8.48 24.07 26.27
C PHE A 546 -7.59 24.93 25.40
N ALA A 547 -6.30 24.67 25.43
CA ALA A 547 -5.37 25.53 24.71
C ALA A 547 -4.17 24.72 24.24
N ALA A 548 -4.15 24.38 22.97
CA ALA A 548 -3.00 23.75 22.35
C ALA A 548 -2.14 24.86 21.78
N LEU A 549 -0.93 25.02 22.29
CA LEU A 549 -0.15 26.16 21.87
C LEU A 549 1.27 25.79 21.50
N ALA A 550 1.73 26.36 20.40
CA ALA A 550 3.04 26.05 19.87
C ALA A 550 4.14 26.80 20.58
N TRP A 551 3.86 27.97 21.12
CA TRP A 551 4.77 28.60 22.05
C TRP A 551 4.02 29.65 22.84
N ASP A 552 4.61 30.09 23.95
CA ASP A 552 3.99 31.00 24.89
C ASP A 552 5.05 31.89 25.49
N ASP A 553 4.61 32.87 26.27
CA ASP A 553 5.48 33.83 26.93
C ASP A 553 5.68 33.33 28.35
N TRP A 554 6.78 32.66 28.58
CA TRP A 554 6.97 32.08 29.90
C TRP A 554 7.53 33.08 30.90
N ALA A 555 8.02 34.22 30.44
CA ALA A 555 8.41 35.25 31.39
C ALA A 555 7.20 35.93 31.98
N ARG A 556 6.21 36.22 31.15
CA ARG A 556 4.97 36.80 31.65
C ARG A 556 4.37 35.94 32.75
N ILE A 557 4.62 34.64 32.71
CA ILE A 557 4.11 33.72 33.71
C ILE A 557 5.00 33.68 34.92
N THR A 558 6.32 33.67 34.72
CA THR A 558 7.26 33.45 35.81
C THR A 558 8.28 34.58 35.98
N ARG A 559 7.90 35.83 35.73
CA ARG A 559 8.77 36.90 36.20
C ARG A 559 8.46 37.32 37.61
N ASP A 560 7.22 37.34 38.02
CA ASP A 560 6.98 37.68 39.42
C ASP A 560 7.20 36.50 40.32
N ALA A 561 8.26 35.75 40.04
CA ALA A 561 8.71 34.69 40.92
C ALA A 561 10.21 34.45 40.78
N ARG A 562 10.91 35.24 39.97
CA ARG A 562 12.27 34.90 39.58
C ARG A 562 13.23 35.78 40.35
N LEU A 563 14.19 35.15 41.01
CA LEU A 563 15.18 35.87 41.79
C LEU A 563 16.33 36.28 40.89
N ALA A 564 16.80 37.51 41.05
CA ALA A 564 17.90 38.01 40.24
C ALA A 564 19.17 37.25 40.55
N GLU A 565 19.99 37.04 39.53
CA GLU A 565 21.23 36.28 39.72
C GLU A 565 22.06 36.89 40.83
N ALA A 566 22.08 38.22 40.92
CA ALA A 566 22.84 38.86 41.98
C ALA A 566 22.26 38.55 43.35
N VAL A 567 20.94 38.57 43.48
CA VAL A 567 20.31 38.33 44.77
C VAL A 567 20.66 36.94 45.29
N VAL A 568 20.66 35.94 44.40
CA VAL A 568 21.13 34.62 44.78
C VAL A 568 22.61 34.66 45.16
N SER A 569 23.43 35.19 44.25
CA SER A 569 24.87 35.10 44.44
C SER A 569 25.33 35.84 45.68
N ALA A 570 24.50 36.74 46.20
CA ALA A 570 24.80 37.44 47.43
C ALA A 570 24.04 36.89 48.61
N GLU A 571 23.43 35.73 48.46
CA GLU A 571 22.68 35.15 49.55
C GLU A 571 23.04 33.68 49.71
N ALA A 574 27.32 33.88 51.87
CA ALA A 574 26.45 34.75 52.64
C ALA A 574 25.49 33.93 53.49
N HIS A 575 25.15 32.73 53.00
CA HIS A 575 24.42 31.73 53.77
C HIS A 575 24.95 30.35 53.43
N PRO A 576 25.83 29.79 54.26
CA PRO A 576 26.50 28.54 53.90
C PRO A 576 25.62 27.30 53.92
N ASP A 577 24.96 26.98 55.03
CA ASP A 577 24.22 25.72 55.12
C ASP A 577 23.08 25.71 54.14
N HIS A 578 22.89 24.57 53.49
CA HIS A 578 21.98 24.54 52.37
C HIS A 578 20.53 24.54 52.80
N GLY A 579 20.22 23.97 53.95
CA GLY A 579 18.91 24.24 54.52
C GLY A 579 18.69 25.71 54.70
N ALA A 580 19.71 26.41 55.20
CA ALA A 580 19.60 27.84 55.45
C ALA A 580 19.41 28.61 54.15
N LEU A 581 20.25 28.33 53.15
CA LEU A 581 20.12 29.07 51.91
C LEU A 581 18.82 28.77 51.21
N GLY A 582 18.42 27.51 51.18
CA GLY A 582 17.17 27.17 50.53
C GLY A 582 16.01 27.87 51.20
N ARG A 583 16.02 27.91 52.53
CA ARG A 583 14.89 28.49 53.22
C ARG A 583 14.87 30.01 53.05
N ARG A 584 16.04 30.65 53.04
CA ARG A 584 16.06 32.08 52.83
C ARG A 584 15.63 32.44 51.41
N LEU A 585 16.12 31.70 50.40
CA LEU A 585 15.71 32.00 49.04
C LEU A 585 14.22 31.82 48.87
N THR A 586 13.66 30.77 49.47
CA THR A 586 12.21 30.64 49.43
C THR A 586 11.55 31.83 50.10
N ASP A 587 12.17 32.37 51.16
CA ASP A 587 11.62 33.54 51.82
C ASP A 587 11.59 34.74 50.89
N ARG A 588 12.64 34.95 50.11
CA ARG A 588 12.70 36.14 49.27
C ARG A 588 11.56 36.17 48.27
N ILE A 589 11.57 35.25 47.32
CA ILE A 589 10.68 35.23 46.16
C ILE A 589 10.20 36.62 45.76
N ASP A 602 -11.71 35.95 29.64
CA ASP A 602 -11.27 35.47 28.35
C ASP A 602 -10.41 34.24 28.50
N ALA A 603 -10.56 33.28 27.58
CA ALA A 603 -9.74 32.07 27.63
C ALA A 603 -8.27 32.41 27.44
N GLY A 604 -7.96 33.31 26.50
CA GLY A 604 -6.60 33.69 26.24
C GLY A 604 -5.98 34.53 27.31
N GLY A 605 -6.76 34.95 28.30
CA GLY A 605 -6.24 35.58 29.50
C GLY A 605 -6.36 34.67 30.71
N GLN A 606 -7.47 33.94 30.84
CA GLN A 606 -7.56 32.98 31.91
C GLN A 606 -6.53 31.88 31.82
N MET A 607 -5.89 31.67 30.66
CA MET A 607 -4.86 30.64 30.65
C MET A 607 -3.70 31.05 31.50
N TYR A 608 -3.62 32.32 31.86
CA TYR A 608 -2.47 32.87 32.52
C TYR A 608 -2.62 32.89 34.03
N VAL A 609 -3.72 32.37 34.56
CA VAL A 609 -3.83 32.17 36.00
C VAL A 609 -4.17 30.74 36.39
N ASN A 610 -4.80 29.96 35.51
CA ASN A 610 -5.05 28.55 35.77
C ASN A 610 -4.68 27.81 34.51
N ARG A 611 -3.79 26.85 34.61
CA ARG A 611 -3.37 26.12 33.43
C ARG A 611 -2.95 24.74 33.87
N ASN A 612 -3.69 23.74 33.42
CA ASN A 612 -3.41 22.36 33.73
C ASN A 612 -2.84 21.70 32.51
N GLU A 613 -1.80 20.90 32.68
CA GLU A 613 -1.19 20.18 31.57
C GLU A 613 -1.84 18.82 31.41
N ILE A 614 -2.16 18.47 30.17
CA ILE A 614 -2.84 17.21 29.87
C ILE A 614 -1.82 16.18 29.46
N PHE A 615 -1.83 15.06 30.16
CA PHE A 615 -1.01 13.92 29.80
C PHE A 615 -1.45 13.37 28.46
N ASN A 616 -0.49 13.06 27.61
CA ASN A 616 -0.72 12.60 26.25
C ASN A 616 0.08 11.30 26.14
N GLY A 617 -0.59 10.17 26.37
CA GLY A 617 0.09 8.88 26.39
C GLY A 617 0.72 8.49 25.08
N ALA A 618 0.43 9.21 24.02
CA ALA A 618 1.19 9.06 22.80
C ALA A 618 2.63 9.46 23.02
N LEU A 619 2.87 10.39 23.92
CA LEU A 619 4.16 11.02 24.02
C LEU A 619 5.02 10.32 25.05
N ALA A 620 6.31 10.58 24.96
CA ALA A 620 7.19 10.06 25.99
C ALA A 620 7.12 10.94 27.23
N ILE A 621 7.76 10.48 28.29
CA ILE A 621 7.82 11.19 29.56
C ILE A 621 9.29 11.43 29.87
N THR A 622 9.68 12.67 30.05
CA THR A 622 11.05 12.99 30.39
C THR A 622 11.21 13.57 31.78
N ASN A 623 10.14 13.82 32.50
CA ASN A 623 10.17 14.37 33.84
C ASN A 623 9.26 13.56 34.74
N ILE A 624 9.63 13.48 36.00
CA ILE A 624 8.87 12.71 36.98
C ILE A 624 8.08 13.69 37.81
N ILE A 625 6.86 13.95 37.40
CA ILE A 625 6.04 14.99 38.01
C ILE A 625 5.18 14.32 39.07
N LEU A 626 5.58 14.46 40.33
CA LEU A 626 4.81 13.93 41.45
C LEU A 626 3.84 14.97 41.96
N ASP A 627 2.70 14.52 42.46
CA ASP A 627 1.60 15.39 42.87
C ASP A 627 1.28 15.12 44.34
N LEU A 628 2.00 15.78 45.23
CA LEU A 628 1.84 15.55 46.65
C LEU A 628 0.63 16.29 47.20
N ASP A 629 -0.12 15.60 48.04
CA ASP A 629 -1.36 16.08 48.64
C ASP A 629 -1.38 15.76 50.12
N ILE A 630 -0.32 16.15 50.83
CA ILE A 630 -0.21 15.86 52.26
C ILE A 630 -1.40 16.46 53.01
N ALA A 631 -2.20 15.61 53.61
CA ALA A 631 -3.26 16.05 54.50
C ALA A 631 -2.72 15.98 55.91
N LEU A 632 -3.04 16.98 56.72
CA LEU A 632 -2.38 17.11 58.00
C LEU A 632 -3.34 17.62 59.06
N LYS A 633 -3.16 17.15 60.28
CA LYS A 633 -4.09 17.40 61.37
C LYS A 633 -3.72 18.64 62.19
N GLU A 634 -2.58 18.69 62.64
CA GLU A 634 -2.17 19.96 63.18
C GLU A 634 -1.27 20.66 62.18
N PRO A 635 -1.32 21.99 62.12
CA PRO A 635 -0.50 22.72 61.16
C PRO A 635 0.99 22.43 61.32
N VAL A 636 1.75 22.89 60.35
CA VAL A 636 3.16 22.56 60.25
C VAL A 636 3.99 23.83 60.04
N PRO A 637 5.07 23.99 60.73
CA PRO A 637 5.99 25.07 60.39
C PRO A 637 6.62 24.86 59.04
N PHE A 638 7.46 25.79 58.64
CA PHE A 638 8.08 25.74 57.34
C PHE A 638 9.49 25.21 57.38
N ARG A 639 10.23 25.40 58.46
CA ARG A 639 11.54 24.77 58.51
C ARG A 639 11.38 23.27 58.64
N ARG A 640 10.36 22.83 59.35
CA ARG A 640 10.12 21.40 59.46
C ARG A 640 9.78 20.82 58.10
N LEU A 641 8.92 21.51 57.34
CA LEU A 641 8.56 21.02 56.02
C LEU A 641 9.76 21.05 55.10
N HIS A 642 10.58 22.07 55.20
CA HIS A 642 11.71 22.17 54.30
C HIS A 642 12.70 21.05 54.53
N GLU A 643 12.91 20.69 55.80
CA GLU A 643 13.81 19.57 56.10
C GLU A 643 13.15 18.25 55.74
N ALA A 644 11.85 18.14 55.94
CA ALA A 644 11.12 16.96 55.48
C ALA A 644 11.24 16.77 53.98
N LEU A 645 11.29 17.86 53.23
CA LEU A 645 11.48 17.74 51.78
C LEU A 645 12.90 17.39 51.44
N GLY A 646 13.85 17.89 52.23
CA GLY A 646 15.20 17.40 52.07
C GLY A 646 15.33 15.91 52.31
N HIS A 647 14.39 15.34 53.06
CA HIS A 647 14.36 13.89 53.23
C HIS A 647 13.45 13.19 52.24
N PHE A 648 12.51 13.91 51.63
CA PHE A 648 11.80 13.38 50.48
C PHE A 648 12.75 13.18 49.32
N ARG A 649 13.60 14.15 49.06
CA ARG A 649 14.43 14.04 47.87
C ARG A 649 15.38 12.88 47.99
N ARG A 650 15.92 12.62 49.17
CA ARG A 650 16.98 11.62 49.27
C ARG A 650 16.40 10.22 49.07
N GLY A 651 15.30 9.92 49.74
CA GLY A 651 14.65 8.65 49.53
C GLY A 651 14.15 8.46 48.11
N ALA A 652 13.52 9.49 47.55
CA ALA A 652 13.01 9.36 46.19
C ALA A 652 14.14 9.19 45.20
N LEU A 653 15.30 9.79 45.45
CA LEU A 653 16.41 9.61 44.54
C LEU A 653 17.00 8.21 44.65
N ALA A 654 16.99 7.62 45.84
CA ALA A 654 17.34 6.21 45.93
C ALA A 654 16.40 5.35 45.10
N ALA A 655 15.10 5.63 45.16
CA ALA A 655 14.14 4.89 44.34
C ALA A 655 14.39 5.10 42.86
N VAL A 656 14.66 6.33 42.47
CA VAL A 656 14.96 6.67 41.09
C VAL A 656 16.19 5.94 40.62
N GLN A 657 17.18 5.77 41.48
CA GLN A 657 18.37 5.06 41.04
C GLN A 657 18.16 3.57 40.93
N LEU A 658 17.35 2.98 41.79
CA LEU A 658 17.02 1.58 41.60
C LEU A 658 16.27 1.35 40.29
N LEU A 659 15.31 2.22 39.98
CA LEU A 659 14.50 2.01 38.78
C LEU A 659 15.24 2.28 37.48
N PHE A 660 16.35 3.00 37.51
CA PHE A 660 17.05 3.43 36.31
C PHE A 660 18.52 3.05 36.45
N PRO A 661 18.83 1.77 36.39
CA PRO A 661 20.13 1.30 36.89
C PRO A 661 21.34 1.88 36.19
N ALA A 662 21.28 2.08 34.87
CA ALA A 662 22.48 2.56 34.18
C ALA A 662 22.52 4.06 34.10
N ALA A 663 22.33 4.74 35.21
CA ALA A 663 22.24 6.18 35.27
C ALA A 663 23.03 6.67 36.46
N ARG A 664 23.88 7.68 36.25
CA ARG A 664 24.72 8.21 37.31
C ARG A 664 23.95 9.29 38.07
N VAL A 665 22.97 8.84 38.85
CA VAL A 665 22.08 9.74 39.59
C VAL A 665 22.71 9.92 40.97
N ASP A 666 23.60 10.88 41.08
CA ASP A 666 24.22 11.19 42.36
C ASP A 666 23.17 11.75 43.31
N PRO A 667 22.88 11.11 44.45
CA PRO A 667 21.81 11.60 45.32
C PRO A 667 22.14 12.89 46.05
N ASP A 668 23.27 13.50 45.71
CA ASP A 668 23.64 14.80 46.22
C ASP A 668 23.25 15.92 45.26
N ALA A 669 23.73 15.86 44.01
CA ALA A 669 23.47 16.92 43.05
C ALA A 669 22.35 16.59 42.08
N TYR A 670 21.60 15.56 42.32
CA TYR A 670 20.59 15.38 41.31
C TYR A 670 19.42 16.31 41.58
N PRO A 671 18.94 17.06 40.59
CA PRO A 671 17.94 18.10 40.83
C PRO A 671 16.56 17.51 41.06
N CYS A 672 15.95 17.90 42.17
CA CYS A 672 14.53 17.66 42.41
C CYS A 672 13.90 19.01 42.69
N TYR A 673 12.89 19.37 41.92
CA TYR A 673 12.34 20.71 41.95
C TYR A 673 11.01 20.70 42.68
N PHE A 674 10.92 21.45 43.78
CA PHE A 674 9.76 21.45 44.65
C PHE A 674 9.00 22.76 44.52
N PHE A 675 7.69 22.66 44.39
CA PHE A 675 6.79 23.79 44.37
C PHE A 675 5.72 23.53 45.41
N LYS A 676 5.51 24.49 46.29
CA LYS A 676 4.51 24.43 47.34
C LYS A 676 3.43 25.41 46.99
N SER A 677 2.18 24.98 47.04
CA SER A 677 1.09 25.90 46.77
C SER A 677 0.99 26.90 47.91
N ALA A 678 0.91 28.18 47.59
CA ALA A 678 0.63 29.15 48.62
C ALA A 678 -0.75 28.90 49.20
N VAL A 752 5.84 31.93 56.87
CA VAL A 752 4.88 31.16 57.66
C VAL A 752 4.06 30.28 56.74
N CYS A 753 3.85 29.03 57.15
CA CYS A 753 3.07 28.12 56.30
C CYS A 753 1.62 28.55 56.22
N SER A 754 0.98 28.80 57.36
CA SER A 754 -0.39 29.27 57.43
C SER A 754 -1.38 28.28 56.83
N CYS A 755 -0.90 27.12 56.40
CA CYS A 755 -1.74 26.20 55.64
C CYS A 755 -2.28 25.11 56.55
N THR A 756 -3.59 25.10 56.71
CA THR A 756 -4.29 24.13 57.53
C THR A 756 -5.01 23.17 56.58
N ASP A 757 -5.39 22.01 57.10
CA ASP A 757 -6.08 20.97 56.38
C ASP A 757 -5.14 20.27 55.41
N LYS A 758 -4.78 20.94 54.32
CA LYS A 758 -4.05 20.28 53.24
C LYS A 758 -2.90 21.17 52.80
N ILE A 759 -1.79 20.53 52.42
CA ILE A 759 -0.59 21.22 52.01
C ILE A 759 -0.12 20.61 50.70
N GLY A 760 -0.36 21.32 49.61
CA GLY A 760 -0.10 20.79 48.29
C GLY A 760 1.30 21.09 47.80
N LEU A 761 2.02 20.05 47.45
CA LEU A 761 3.34 20.19 46.90
C LEU A 761 3.35 19.72 45.44
N ARG A 762 4.48 19.92 44.79
CA ARG A 762 4.71 19.39 43.46
C ARG A 762 6.19 19.15 43.28
N VAL A 763 6.58 17.91 43.04
CA VAL A 763 7.98 17.54 42.93
C VAL A 763 8.25 17.09 41.51
N CYS A 764 9.21 17.71 40.87
CA CYS A 764 9.55 17.43 39.49
C CYS A 764 11.02 17.05 39.43
N MET A 765 11.31 15.86 38.92
CA MET A 765 12.64 15.33 38.77
C MET A 765 12.90 15.03 37.31
N PRO A 766 14.06 15.38 36.79
CA PRO A 766 14.42 14.90 35.47
C PRO A 766 14.50 13.39 35.48
N VAL A 767 14.05 12.79 34.38
CA VAL A 767 14.38 11.37 34.17
C VAL A 767 15.89 11.25 33.98
N PRO A 768 16.53 10.28 34.58
CA PRO A 768 17.99 10.17 34.47
C PRO A 768 18.48 10.02 33.04
N ALA A 769 19.77 10.02 32.87
CA ALA A 769 20.36 10.45 31.63
C ALA A 769 19.90 9.65 30.43
N PRO A 770 20.14 8.33 30.33
CA PRO A 770 19.87 7.66 29.07
C PRO A 770 18.44 7.18 28.94
N TYR A 771 17.61 7.43 29.93
CA TYR A 771 16.27 6.88 29.94
C TYR A 771 15.24 7.88 29.49
N VAL A 772 14.12 7.34 29.05
CA VAL A 772 12.89 8.05 28.82
C VAL A 772 11.82 7.06 29.21
N VAL A 773 10.70 7.55 29.69
CA VAL A 773 9.64 6.67 30.14
C VAL A 773 8.50 6.77 29.15
N HIS A 774 7.93 5.62 28.82
CA HIS A 774 6.74 5.55 27.99
C HIS A 774 5.64 4.81 28.74
N GLY A 775 4.46 5.35 28.70
CA GLY A 775 3.33 4.71 29.33
C GLY A 775 2.68 5.45 30.47
N SER A 776 1.36 5.35 30.57
CA SER A 776 0.70 5.76 31.79
C SER A 776 0.99 4.80 32.93
N LEU A 777 0.99 3.51 32.64
CA LEU A 777 1.20 2.55 33.70
C LEU A 777 2.65 2.56 34.16
N THR A 778 3.57 2.87 33.26
CA THR A 778 4.96 2.95 33.66
C THR A 778 5.19 4.09 34.64
N MET A 779 4.53 5.22 34.43
CA MET A 779 4.74 6.33 35.34
C MET A 779 3.91 6.22 36.60
N ARG A 780 2.76 5.56 36.52
CA ARG A 780 2.05 5.20 37.72
C ARG A 780 2.92 4.30 38.59
N GLY A 781 3.66 3.38 37.98
CA GLY A 781 4.56 2.54 38.74
C GLY A 781 5.72 3.30 39.32
N VAL A 782 6.29 4.22 38.56
CA VAL A 782 7.41 4.99 39.08
C VAL A 782 6.97 5.80 40.28
N ALA A 783 5.80 6.42 40.20
CA ALA A 783 5.31 7.21 41.31
C ALA A 783 5.07 6.35 42.54
N ARG A 784 4.48 5.17 42.35
CA ARG A 784 4.23 4.34 43.50
C ARG A 784 5.52 3.84 44.15
N VAL A 785 6.53 3.54 43.35
CA VAL A 785 7.79 3.15 43.95
C VAL A 785 8.38 4.29 44.76
N ILE A 786 8.33 5.51 44.21
CA ILE A 786 8.86 6.65 44.96
C ILE A 786 8.08 6.85 46.24
N GLN A 787 6.78 6.59 46.20
CA GLN A 787 5.95 6.70 47.39
C GLN A 787 6.42 5.74 48.45
N GLN A 788 6.63 4.47 48.09
CA GLN A 788 7.02 3.50 49.09
C GLN A 788 8.45 3.75 49.57
N ALA A 789 9.32 4.24 48.71
CA ALA A 789 10.67 4.53 49.14
C ALA A 789 10.71 5.67 50.15
N VAL A 790 9.91 6.73 49.93
CA VAL A 790 9.94 7.81 50.89
C VAL A 790 9.16 7.47 52.15
N LEU A 791 8.19 6.55 52.08
CA LEU A 791 7.59 6.06 53.29
C LEU A 791 8.45 5.04 54.01
N LEU A 792 9.51 4.55 53.38
CA LEU A 792 10.42 3.66 54.06
C LEU A 792 11.64 4.37 54.63
N ASP A 793 11.75 5.67 54.43
CA ASP A 793 12.80 6.45 55.04
C ASP A 793 12.37 6.84 56.45
N ARG A 794 13.08 6.34 57.45
CA ARG A 794 12.69 6.60 58.82
C ARG A 794 12.78 8.08 59.16
N ASP A 795 13.72 8.80 58.52
CA ASP A 795 13.84 10.22 58.79
C ASP A 795 12.62 10.99 58.31
N PHE A 796 12.13 10.68 57.12
CA PHE A 796 11.04 11.46 56.56
C PHE A 796 9.80 11.37 57.43
N VAL A 797 9.45 10.16 57.87
CA VAL A 797 8.19 10.01 58.61
C VAL A 797 8.32 10.42 60.07
N GLU A 798 9.53 10.59 60.57
CA GLU A 798 9.70 11.33 61.81
C GLU A 798 9.52 12.81 61.57
N ALA A 799 10.27 13.35 60.60
CA ALA A 799 10.28 14.78 60.37
C ALA A 799 8.89 15.29 60.02
N ILE A 800 8.06 14.43 59.44
CA ILE A 800 6.78 14.90 58.97
C ILE A 800 5.64 14.25 59.72
N GLY A 801 5.89 13.17 60.43
CA GLY A 801 4.81 12.50 61.11
C GLY A 801 4.31 13.32 62.28
N SER A 802 3.16 12.89 62.80
CA SER A 802 2.48 13.52 63.93
C SER A 802 1.80 14.81 63.50
N TYR A 803 2.09 15.25 62.28
CA TYR A 803 1.28 16.25 61.63
C TYR A 803 0.34 15.64 60.62
N VAL A 804 0.73 14.53 60.02
CA VAL A 804 0.15 14.04 58.78
C VAL A 804 -0.82 12.92 59.12
N LYS A 805 -2.10 13.16 58.89
CA LYS A 805 -3.11 12.13 59.13
C LYS A 805 -2.90 10.89 58.30
N ASN A 806 -3.10 11.01 57.00
CA ASN A 806 -2.99 9.86 56.13
C ASN A 806 -1.54 9.68 55.79
N PHE A 807 -1.25 8.84 54.87
CA PHE A 807 0.12 8.72 54.42
C PHE A 807 0.23 8.61 52.93
N LEU A 808 -0.89 8.59 52.21
CA LEU A 808 -0.88 8.49 50.76
C LEU A 808 -0.51 9.87 50.25
N LEU A 809 0.77 10.06 49.99
CA LEU A 809 1.23 11.38 49.61
C LEU A 809 1.24 11.62 48.11
N ILE A 810 0.86 10.64 47.30
CA ILE A 810 1.09 10.71 45.86
C ILE A 810 -0.10 10.15 45.10
N ASP A 811 -0.77 10.98 44.33
CA ASP A 811 -1.92 10.57 43.54
C ASP A 811 -1.39 9.96 42.26
N THR A 812 -1.05 8.68 42.34
CA THR A 812 -0.49 7.97 41.20
C THR A 812 -1.48 7.84 40.06
N GLY A 813 -2.75 8.09 40.29
CA GLY A 813 -3.70 8.10 39.21
C GLY A 813 -3.94 9.48 38.66
N VAL A 814 -2.90 10.13 38.17
CA VAL A 814 -3.04 11.45 37.59
C VAL A 814 -2.27 11.41 36.29
N TYR A 815 -1.67 10.28 36.01
CA TYR A 815 -0.85 10.02 34.84
C TYR A 815 -1.64 9.36 33.75
N ALA A 816 -2.94 9.21 33.92
CA ALA A 816 -3.77 8.63 32.89
C ALA A 816 -3.95 9.60 31.74
N HIS A 817 -3.98 9.06 30.54
CA HIS A 817 -4.25 9.83 29.33
C HIS A 817 -5.48 10.69 29.52
N GLY A 818 -5.40 11.92 29.04
CA GLY A 818 -6.50 12.84 29.15
C GLY A 818 -6.64 13.54 30.48
N HIS A 819 -5.79 13.26 31.45
CA HIS A 819 -5.93 13.88 32.75
C HIS A 819 -4.90 14.99 32.91
N SER A 820 -5.22 15.91 33.81
CA SER A 820 -4.55 17.21 33.87
C SER A 820 -3.94 17.44 35.24
N LEU A 821 -2.79 18.12 35.24
CA LEU A 821 -2.10 18.54 36.45
C LEU A 821 -1.84 20.03 36.36
N ARG A 822 -2.19 20.75 37.41
CA ARG A 822 -1.90 22.18 37.43
C ARG A 822 -0.40 22.41 37.40
N LEU A 823 -0.04 23.24 36.67
CA LEU A 823 1.36 23.54 36.45
C LEU A 823 1.88 24.53 37.48
N PRO A 824 3.17 24.50 37.74
CA PRO A 824 3.74 25.54 38.59
C PRO A 824 3.51 26.91 37.99
N TYR A 825 3.33 27.89 38.89
CA TYR A 825 3.06 29.28 38.60
C TYR A 825 1.63 29.50 38.14
N PHE A 826 0.72 28.67 38.61
CA PHE A 826 -0.68 28.85 38.28
C PHE A 826 -1.54 28.60 39.50
N ALA A 827 -2.57 29.39 39.65
CA ALA A 827 -3.44 29.29 40.80
C ALA A 827 -4.53 28.26 40.53
N LYS A 828 -5.51 28.22 41.38
CA LYS A 828 -6.61 27.28 41.29
C LYS A 828 -7.90 28.07 41.41
N ILE A 829 -8.91 27.66 40.66
CA ILE A 829 -10.13 28.47 40.61
C ILE A 829 -11.21 27.89 41.48
N GLY A 837 -3.81 28.87 45.23
CA GLY A 837 -2.42 28.61 45.53
C GLY A 837 -1.51 28.54 44.33
N ARG A 838 -0.82 29.63 44.01
CA ARG A 838 0.23 29.55 43.02
C ARG A 838 1.29 28.58 43.48
N LEU A 839 1.56 27.59 42.65
CA LEU A 839 2.65 26.68 42.93
C LEU A 839 3.93 27.42 42.72
N LEU A 840 4.53 27.88 43.81
CA LEU A 840 5.77 28.62 43.76
C LEU A 840 6.89 27.82 44.40
N PRO A 841 8.11 28.03 43.96
CA PRO A 841 9.18 27.10 44.32
C PRO A 841 9.51 27.11 45.80
N VAL A 842 9.94 25.96 46.27
CA VAL A 842 10.60 25.79 47.56
C VAL A 842 11.97 25.25 47.22
N PHE A 843 12.96 26.11 47.23
CA PHE A 843 14.26 25.68 46.77
C PHE A 843 14.90 24.72 47.78
N VAL A 844 14.71 23.42 47.58
CA VAL A 844 15.37 22.41 48.41
C VAL A 844 16.71 22.17 47.73
N ILE A 845 17.67 23.00 48.07
CA ILE A 845 18.92 23.01 47.31
C ILE A 845 19.65 21.70 47.55
N PRO A 846 20.20 21.08 46.50
CA PRO A 846 20.85 19.82 46.66
C PRO A 846 21.97 19.90 47.68
N PRO A 847 22.14 18.88 48.51
CA PRO A 847 23.42 18.75 49.19
C PRO A 847 24.51 18.64 48.16
N ALA A 848 25.61 19.35 48.40
CA ALA A 848 26.76 19.37 47.49
C ALA A 848 26.38 19.81 46.08
N CYS A 849 25.39 20.70 45.95
CA CYS A 849 25.11 21.32 44.66
C CYS A 849 26.37 22.03 44.13
N LYS A 850 26.31 22.42 42.87
CA LYS A 850 27.50 22.96 42.20
C LYS A 850 27.32 24.38 41.70
N ASP A 851 26.24 24.67 40.98
CA ASP A 851 25.97 26.00 40.45
C ASP A 851 24.60 26.42 40.94
N VAL A 852 24.56 26.98 42.14
CA VAL A 852 23.28 27.32 42.75
C VAL A 852 22.49 28.30 41.92
N PRO A 853 23.08 29.30 41.28
CA PRO A 853 22.28 30.15 40.40
C PRO A 853 21.51 29.38 39.36
N ALA A 854 22.10 28.34 38.79
CA ALA A 854 21.43 27.60 37.75
C ALA A 854 20.31 26.75 38.32
N PHE A 855 20.53 26.17 39.49
CA PHE A 855 19.47 25.38 40.09
C PHE A 855 18.30 26.25 40.43
N VAL A 856 18.55 27.48 40.84
CA VAL A 856 17.44 28.38 41.13
C VAL A 856 16.73 28.75 39.83
N ALA A 857 17.48 28.91 38.75
CA ALA A 857 16.89 29.38 37.51
C ALA A 857 16.04 28.32 36.86
N ALA A 858 16.35 27.04 37.10
CA ALA A 858 15.61 25.97 36.48
C ALA A 858 14.20 25.82 37.04
N HIS A 859 13.90 26.42 38.14
CA HIS A 859 12.54 26.36 38.62
C HIS A 859 11.67 27.19 37.86
N ALA A 860 12.18 27.74 36.77
CA ALA A 860 11.43 28.61 35.89
C ALA A 860 11.38 28.12 34.46
N ASP A 861 12.29 27.27 34.03
CA ASP A 861 12.25 26.75 32.67
C ASP A 861 11.10 25.76 32.55
N PRO A 862 10.21 25.94 31.59
CA PRO A 862 9.06 25.05 31.52
C PRO A 862 9.45 23.63 31.22
N ARG A 863 10.60 23.43 30.60
CA ARG A 863 11.05 22.09 30.27
C ARG A 863 11.20 21.23 31.51
N ARG A 864 11.51 21.84 32.63
CA ARG A 864 11.71 21.11 33.85
C ARG A 864 10.41 20.80 34.58
N PHE A 865 9.26 21.22 34.08
CA PHE A 865 8.05 20.81 34.74
C PHE A 865 6.91 20.48 33.78
N HIS A 866 7.21 20.07 32.56
CA HIS A 866 6.25 19.38 31.71
C HIS A 866 6.61 17.93 31.57
N PHE A 867 5.59 17.08 31.52
CA PHE A 867 5.72 15.67 31.28
C PHE A 867 6.59 15.42 30.07
N HIS A 868 6.10 15.84 28.92
CA HIS A 868 6.63 15.42 27.64
C HIS A 868 7.57 16.45 27.04
N ALA A 869 8.55 16.90 27.79
CA ALA A 869 9.44 17.94 27.33
C ALA A 869 10.60 17.34 26.61
N PRO A 870 11.35 18.12 25.86
CA PRO A 870 12.59 17.63 25.34
C PRO A 870 13.50 17.26 26.48
N PRO A 871 14.24 16.18 26.37
CA PRO A 871 15.29 15.94 27.36
C PRO A 871 16.36 17.01 27.27
N THR A 872 16.89 17.36 28.43
CA THR A 872 17.97 18.32 28.50
C THR A 872 19.31 17.64 28.61
N ARG A 878 23.94 9.51 22.33
CA ARG A 878 24.02 8.21 21.68
C ARG A 878 22.73 7.43 21.83
N GLU A 879 22.80 6.34 22.57
CA GLU A 879 21.63 5.51 22.80
C GLU A 879 20.69 6.15 23.80
N ILE A 880 19.43 5.71 23.76
CA ILE A 880 18.53 5.91 24.88
C ILE A 880 17.83 4.60 25.13
N ARG A 881 17.35 4.45 26.35
CA ARG A 881 16.57 3.29 26.73
C ARG A 881 15.19 3.75 27.14
N VAL A 882 14.18 3.10 26.64
CA VAL A 882 12.81 3.49 26.89
C VAL A 882 12.19 2.49 27.84
N LEU A 883 11.83 2.97 29.01
CA LEU A 883 11.20 2.16 30.04
C LEU A 883 9.72 2.15 29.75
N HIS A 884 9.29 1.16 28.97
CA HIS A 884 7.89 1.12 28.57
C HIS A 884 7.02 0.26 29.45
N SER A 885 7.57 -0.47 30.41
CA SER A 885 6.71 -1.23 31.30
C SER A 885 7.39 -1.41 32.64
N LEU A 886 6.58 -1.44 33.67
CA LEU A 886 7.02 -1.92 34.96
C LEU A 886 6.18 -3.06 35.47
N GLY A 887 5.00 -3.29 34.89
CA GLY A 887 4.15 -4.37 35.30
C GLY A 887 2.68 -4.00 35.28
N TRP B 8 -7.54 -5.08 -56.11
CA TRP B 8 -6.16 -5.65 -55.99
C TRP B 8 -5.15 -4.51 -55.79
N VAL B 9 -5.48 -3.54 -54.94
CA VAL B 9 -4.53 -2.44 -54.62
C VAL B 9 -3.56 -2.96 -53.56
N GLU B 10 -2.25 -2.90 -53.84
CA GLU B 10 -1.29 -3.45 -52.89
C GLU B 10 -1.14 -2.43 -51.78
N GLU B 11 -1.64 -2.77 -50.59
CA GLU B 11 -1.84 -1.82 -49.50
C GLU B 11 -1.58 -2.52 -48.17
N SER B 12 -1.91 -1.84 -47.07
CA SER B 12 -1.55 -2.32 -45.74
C SER B 12 -2.54 -1.77 -44.72
N VAL B 13 -3.51 -2.61 -44.33
CA VAL B 13 -4.52 -2.17 -43.36
C VAL B 13 -3.89 -1.81 -42.03
N SER B 14 -4.32 -0.69 -41.48
CA SER B 14 -3.79 -0.18 -40.21
C SER B 14 -4.74 -0.40 -39.06
N ALA B 15 -6.03 -0.28 -39.27
CA ALA B 15 -6.96 -0.58 -38.21
C ALA B 15 -8.20 -1.15 -38.85
N ILE B 16 -8.90 -1.99 -38.09
CA ILE B 16 -10.18 -2.56 -38.48
C ILE B 16 -11.15 -2.27 -37.36
N THR B 17 -12.24 -1.60 -37.68
CA THR B 17 -13.11 -1.09 -36.65
C THR B 17 -14.55 -1.12 -37.13
N LEU B 18 -15.42 -1.40 -36.21
CA LEU B 18 -16.82 -1.64 -36.47
C LEU B 18 -17.51 -0.33 -36.73
N TYR B 19 -18.14 -0.19 -37.88
CA TYR B 19 -18.87 1.02 -38.18
C TYR B 19 -20.37 0.90 -37.93
N ALA B 20 -21.04 -0.11 -38.47
CA ALA B 20 -22.48 -0.21 -38.28
C ALA B 20 -22.88 -1.66 -38.13
N VAL B 21 -24.01 -1.90 -37.46
CA VAL B 21 -24.51 -3.24 -37.21
C VAL B 21 -26.04 -3.21 -37.31
N TRP B 22 -26.58 -3.73 -38.40
CA TRP B 22 -28.00 -3.65 -38.68
C TRP B 22 -28.54 -5.00 -39.06
N LEU B 23 -29.87 -5.11 -39.06
CA LEU B 23 -30.53 -6.37 -39.48
C LEU B 23 -31.09 -6.16 -40.88
N PRO B 24 -30.91 -7.08 -41.87
CA PRO B 24 -31.36 -6.82 -43.24
C PRO B 24 -32.89 -6.67 -43.34
N PRO B 25 -33.45 -6.30 -44.50
CA PRO B 25 -34.90 -6.08 -44.60
C PRO B 25 -35.67 -7.17 -43.86
N ALA B 26 -35.37 -8.43 -44.16
CA ALA B 26 -36.37 -9.52 -44.00
C ALA B 26 -36.28 -10.08 -42.58
N ARG B 27 -35.19 -10.80 -42.27
CA ARG B 27 -35.03 -11.42 -40.94
C ARG B 27 -33.80 -10.83 -40.24
N GLU B 28 -31.91 -12.83 -37.83
CA GLU B 28 -31.02 -13.93 -37.38
C GLU B 28 -29.63 -13.70 -37.99
N TYR B 29 -29.58 -13.25 -39.24
CA TYR B 29 -28.29 -13.00 -39.92
C TYR B 29 -27.99 -11.51 -39.86
N PHE B 30 -27.59 -11.02 -38.69
CA PHE B 30 -27.40 -9.55 -38.58
C PHE B 30 -26.16 -9.20 -39.41
N HIS B 31 -26.14 -8.04 -40.05
CA HIS B 31 -24.94 -7.69 -40.77
C HIS B 31 -24.12 -6.68 -39.97
N ALA B 32 -22.89 -6.50 -40.43
CA ALA B 32 -22.02 -5.47 -39.91
C ALA B 32 -21.34 -4.82 -41.08
N LEU B 33 -20.91 -3.60 -40.86
CA LEU B 33 -20.12 -2.87 -41.83
C LEU B 33 -18.87 -2.43 -41.12
N VAL B 34 -17.74 -2.75 -41.69
CA VAL B 34 -16.46 -2.57 -41.05
C VAL B 34 -15.71 -1.46 -41.74
N TYR B 35 -14.86 -0.77 -41.00
CA TYR B 35 -14.06 0.33 -41.50
C TYR B 35 -12.60 -0.07 -41.54
N PHE B 36 -12.00 0.10 -42.71
CA PHE B 36 -10.61 -0.23 -42.98
C PHE B 36 -9.83 1.06 -43.09
N VAL B 37 -8.68 1.12 -42.45
CA VAL B 37 -7.74 2.21 -42.59
C VAL B 37 -6.61 1.65 -43.43
N CYS B 38 -6.63 1.94 -44.71
CA CYS B 38 -5.70 1.30 -45.63
C CYS B 38 -4.71 2.33 -46.12
N ARG B 39 -3.48 1.91 -46.31
CA ARG B 39 -2.43 2.81 -46.73
C ARG B 39 -1.58 2.21 -47.83
N ASN B 40 -1.20 3.04 -48.78
CA ASN B 40 -0.42 2.63 -49.92
C ASN B 40 1.01 2.36 -49.49
N ALA B 41 1.84 2.04 -50.47
CA ALA B 41 3.24 1.84 -50.18
C ALA B 41 3.88 3.12 -49.68
N ARG B 46 -5.96 5.82 -47.21
CA ARG B 46 -7.18 5.61 -47.97
C ARG B 46 -8.13 4.86 -47.05
N ALA B 47 -9.41 4.93 -47.36
CA ALA B 47 -10.41 4.41 -46.45
C ALA B 47 -11.33 3.47 -47.21
N ARG B 48 -11.27 2.19 -46.88
CA ARG B 48 -12.14 1.21 -47.49
C ARG B 48 -13.02 0.55 -46.45
N PHE B 49 -13.91 -0.29 -46.92
CA PHE B 49 -14.95 -0.89 -46.13
C PHE B 49 -15.21 -2.31 -46.59
N ALA B 50 -15.80 -3.08 -45.70
CA ALA B 50 -16.18 -4.44 -45.98
C ALA B 50 -17.50 -4.71 -45.28
N GLU B 51 -18.23 -5.69 -45.77
CA GLU B 51 -19.48 -6.07 -45.14
C GLU B 51 -19.44 -7.54 -44.78
N VAL B 52 -20.07 -7.87 -43.67
CA VAL B 52 -20.00 -9.20 -43.09
C VAL B 52 -21.35 -9.54 -42.52
N SER B 53 -21.64 -10.82 -42.48
CA SER B 53 -22.86 -11.31 -41.90
C SER B 53 -22.50 -12.26 -40.77
N VAL B 54 -23.32 -12.27 -39.75
CA VAL B 54 -23.12 -13.10 -38.58
C VAL B 54 -24.46 -13.69 -38.22
N THR B 55 -24.47 -14.96 -37.88
CA THR B 55 -25.69 -15.67 -37.57
C THR B 55 -25.90 -15.67 -36.07
N ALA B 56 -27.05 -16.17 -35.66
CA ALA B 56 -27.33 -16.26 -34.24
C ALA B 56 -26.38 -17.22 -33.56
N THR B 57 -26.07 -18.32 -34.23
CA THR B 57 -25.24 -19.34 -33.60
C THR B 57 -23.82 -18.85 -33.42
N GLU B 58 -23.25 -18.18 -34.41
CA GLU B 58 -21.89 -17.69 -34.27
C GLU B 58 -21.79 -16.70 -33.12
N LEU B 59 -22.82 -15.87 -32.96
CA LEU B 59 -22.84 -14.92 -31.86
C LEU B 59 -22.85 -15.66 -30.54
N ARG B 60 -23.77 -16.60 -30.39
CA ARG B 60 -23.80 -17.36 -29.16
C ARG B 60 -22.49 -18.08 -28.91
N ASP B 61 -21.82 -18.53 -29.96
CA ASP B 61 -20.54 -19.18 -29.76
C ASP B 61 -19.53 -18.23 -29.18
N PHE B 62 -19.45 -17.02 -29.72
CA PHE B 62 -18.46 -16.13 -29.15
C PHE B 62 -18.90 -15.54 -27.83
N TYR B 63 -20.14 -15.75 -27.43
CA TYR B 63 -20.64 -15.24 -26.18
C TYR B 63 -20.59 -16.30 -25.09
N GLY B 64 -21.05 -17.51 -25.40
CA GLY B 64 -21.04 -18.62 -24.47
C GLY B 64 -22.36 -18.81 -23.76
N GLN B 71 -26.46 -12.68 -26.75
CA GLN B 71 -27.40 -13.75 -26.50
C GLN B 71 -28.31 -13.83 -27.69
N ALA B 72 -29.01 -12.73 -27.96
CA ALA B 72 -29.96 -12.63 -29.05
C ALA B 72 -29.58 -11.47 -29.94
N VAL B 73 -29.91 -11.60 -31.23
CA VAL B 73 -29.43 -10.62 -32.18
C VAL B 73 -30.24 -9.33 -32.14
N VAL B 74 -31.43 -9.36 -31.58
CA VAL B 74 -32.12 -8.10 -31.34
C VAL B 74 -31.50 -7.35 -30.17
N ALA B 75 -30.78 -8.03 -29.31
CA ALA B 75 -29.99 -7.39 -28.28
C ALA B 75 -28.59 -7.02 -28.75
N ALA B 76 -28.20 -7.37 -29.98
CA ALA B 76 -26.95 -6.89 -30.57
C ALA B 76 -27.22 -6.03 -31.80
N ALA B 77 -28.44 -5.56 -31.95
CA ALA B 77 -28.78 -4.54 -32.92
C ALA B 77 -29.47 -3.37 -32.28
N ARG B 78 -30.03 -3.53 -31.10
CA ARG B 78 -30.28 -2.42 -30.18
C ARG B 78 -29.01 -1.99 -29.46
N ALA B 79 -27.86 -2.46 -29.91
CA ALA B 79 -26.57 -1.78 -29.80
C ALA B 79 -26.26 -1.04 -31.09
N ALA B 80 -27.34 -0.54 -31.69
CA ALA B 80 -27.37 0.59 -32.59
C ALA B 80 -28.21 1.68 -31.96
N THR B 81 -27.96 1.86 -30.67
CA THR B 81 -28.20 3.05 -29.90
C THR B 81 -26.89 3.73 -29.53
N THR B 82 -25.79 3.07 -29.76
CA THR B 82 -24.46 3.62 -29.72
C THR B 82 -24.23 4.74 -30.75
N PRO B 83 -24.90 4.74 -31.93
CA PRO B 83 -24.76 5.87 -32.86
C PRO B 83 -25.43 7.12 -32.28
N ALA B 84 -24.95 7.61 -31.14
CA ALA B 84 -25.49 8.86 -30.56
C ALA B 84 -24.63 9.32 -29.37
N ALA B 85 -25.13 10.31 -28.62
CA ALA B 85 -24.42 10.83 -27.43
C ALA B 85 -24.32 9.71 -26.38
N SER B 86 -25.39 8.95 -26.16
CA SER B 86 -25.31 7.78 -25.22
C SER B 86 -23.86 7.31 -25.26
N PRO B 87 -23.07 7.52 -24.19
CA PRO B 87 -21.62 7.24 -24.26
C PRO B 87 -21.10 5.82 -24.02
N LEU B 88 -21.33 5.28 -22.84
CA LEU B 88 -20.74 3.96 -22.52
C LEU B 88 -21.80 2.87 -22.67
N GLU B 89 -22.27 2.62 -23.89
CA GLU B 89 -23.19 1.49 -24.02
C GLU B 89 -22.59 0.13 -23.67
N PRO B 90 -21.30 -0.14 -23.86
CA PRO B 90 -20.76 -1.41 -23.37
C PRO B 90 -20.88 -1.67 -21.88
N LEU B 91 -20.88 -0.66 -21.01
CA LEU B 91 -21.02 -0.98 -19.60
C LEU B 91 -22.29 -1.74 -19.32
N GLU B 92 -23.31 -1.56 -20.14
CA GLU B 92 -24.55 -2.28 -19.94
C GLU B 92 -24.36 -3.78 -20.06
N ASN B 93 -23.47 -4.22 -20.93
CA ASN B 93 -23.27 -5.64 -21.22
C ASN B 93 -21.95 -5.90 -21.91
N PRO B 94 -20.85 -5.98 -21.18
CA PRO B 94 -19.54 -5.93 -21.82
C PRO B 94 -19.22 -7.14 -22.67
N THR B 95 -19.58 -8.33 -22.19
CA THR B 95 -19.34 -9.55 -22.94
C THR B 95 -20.13 -9.57 -24.23
N LEU B 96 -21.25 -8.85 -24.31
CA LEU B 96 -21.95 -8.75 -25.57
C LEU B 96 -21.09 -8.07 -26.62
N TRP B 97 -20.31 -7.07 -26.23
CA TRP B 97 -19.50 -6.36 -27.20
C TRP B 97 -18.24 -7.10 -27.51
N ARG B 98 -17.63 -7.70 -26.50
CA ARG B 98 -16.51 -8.60 -26.76
C ARG B 98 -16.94 -9.66 -27.77
N ALA B 99 -18.16 -10.18 -27.60
CA ALA B 99 -18.73 -11.17 -28.52
C ALA B 99 -18.91 -10.61 -29.90
N LEU B 100 -19.56 -9.45 -30.01
CA LEU B 100 -19.89 -8.93 -31.32
C LEU B 100 -18.64 -8.60 -32.10
N TYR B 101 -17.62 -8.10 -31.43
CA TYR B 101 -16.40 -7.74 -32.13
C TYR B 101 -15.59 -8.97 -32.51
N ALA B 102 -15.51 -9.97 -31.63
CA ALA B 102 -14.82 -11.19 -32.03
C ALA B 102 -15.53 -11.89 -33.17
N CYS B 103 -16.87 -11.89 -33.16
CA CYS B 103 -17.60 -12.56 -34.22
C CYS B 103 -17.47 -11.83 -35.54
N VAL B 104 -17.39 -10.50 -35.52
CA VAL B 104 -17.15 -9.80 -36.79
C VAL B 104 -15.75 -10.07 -37.29
N LEU B 105 -14.77 -10.14 -36.40
CA LEU B 105 -13.44 -10.40 -36.88
C LEU B 105 -13.28 -11.84 -37.36
N ALA B 106 -14.17 -12.75 -36.95
CA ALA B 106 -14.16 -14.09 -37.53
C ALA B 106 -14.93 -14.16 -38.85
N ALA B 107 -16.05 -13.47 -38.93
CA ALA B 107 -16.80 -13.42 -40.18
C ALA B 107 -16.00 -12.74 -41.28
N LEU B 108 -15.14 -11.80 -40.92
CA LEU B 108 -14.40 -11.05 -41.91
C LEU B 108 -13.29 -11.89 -42.53
N GLU B 109 -12.58 -12.68 -41.73
CA GLU B 109 -11.61 -13.59 -42.29
C GLU B 109 -12.28 -14.76 -43.00
N ARG B 110 -13.44 -15.17 -42.55
CA ARG B 110 -14.17 -16.27 -43.17
C ARG B 110 -14.89 -15.85 -44.45
N GLN B 111 -15.03 -14.57 -44.72
CA GLN B 111 -15.72 -14.10 -45.92
C GLN B 111 -14.84 -13.22 -46.81
N THR B 112 -14.03 -12.35 -46.23
CA THR B 112 -13.11 -11.54 -47.01
C THR B 112 -11.74 -12.17 -47.12
N GLY B 113 -11.38 -13.02 -46.19
CA GLY B 113 -10.15 -13.75 -46.29
C GLY B 113 -9.12 -13.28 -45.30
N PRO B 114 -7.92 -13.80 -45.42
CA PRO B 114 -6.87 -13.49 -44.44
C PRO B 114 -6.63 -12.00 -44.37
N VAL B 115 -6.43 -11.51 -43.15
CA VAL B 115 -6.34 -10.08 -42.91
C VAL B 115 -5.33 -9.85 -41.78
N ALA B 116 -4.39 -8.96 -42.04
CA ALA B 116 -3.24 -8.84 -41.15
C ALA B 116 -2.88 -7.38 -41.04
N LEU B 117 -3.02 -6.82 -39.86
CA LEU B 117 -2.70 -5.43 -39.66
C LEU B 117 -1.23 -5.20 -39.91
N PHE B 118 -0.94 -4.09 -40.58
CA PHE B 118 0.39 -3.60 -40.89
C PHE B 118 1.12 -4.44 -41.91
N ALA B 119 0.51 -5.45 -42.44
CA ALA B 119 1.29 -6.35 -43.28
C ALA B 119 0.90 -6.17 -44.74
N PRO B 120 1.83 -6.38 -45.66
CA PRO B 120 1.52 -6.19 -47.07
C PRO B 120 0.33 -7.02 -47.50
N LEU B 121 -0.57 -6.40 -48.25
CA LEU B 121 -1.83 -7.06 -48.54
C LEU B 121 -2.30 -6.73 -49.93
N ARG B 122 -3.24 -7.55 -50.39
CA ARG B 122 -3.88 -7.43 -51.69
C ARG B 122 -5.36 -7.22 -51.42
N ILE B 123 -5.89 -6.10 -51.90
CA ILE B 123 -7.22 -5.65 -51.51
C ILE B 123 -8.07 -5.54 -52.75
N GLY B 124 -9.15 -6.33 -52.80
CA GLY B 124 -10.01 -6.34 -54.01
C GLY B 124 -11.37 -5.76 -53.73
N SER B 125 -11.54 -4.46 -53.96
CA SER B 125 -12.83 -3.80 -53.67
C SER B 125 -13.75 -3.91 -54.89
N THR B 129 -20.12 -1.24 -55.54
CA THR B 129 -20.48 -1.42 -54.11
C THR B 129 -19.46 -0.67 -53.23
N GLY B 130 -18.19 -0.70 -53.62
CA GLY B 130 -17.13 -0.04 -52.83
C GLY B 130 -16.73 -0.89 -51.64
N LEU B 131 -17.46 -1.96 -51.39
CA LEU B 131 -17.14 -2.87 -50.26
C LEU B 131 -15.96 -3.74 -50.66
N VAL B 132 -14.97 -3.88 -49.79
CA VAL B 132 -13.81 -4.78 -50.09
C VAL B 132 -14.40 -6.19 -50.14
N VAL B 133 -14.28 -6.86 -51.28
CA VAL B 133 -14.89 -8.16 -51.46
C VAL B 133 -13.93 -9.29 -51.11
N LYS B 134 -12.64 -9.13 -51.39
CA LYS B 134 -11.68 -10.17 -51.09
C LYS B 134 -10.38 -9.53 -50.64
N VAL B 135 -9.71 -10.20 -49.70
CA VAL B 135 -8.40 -9.67 -49.18
C VAL B 135 -7.45 -10.86 -49.07
N GLU B 136 -6.86 -11.27 -50.18
CA GLU B 136 -5.85 -12.37 -50.16
C GLU B 136 -4.51 -11.78 -49.72
N ARG B 137 -3.61 -12.62 -49.23
CA ARG B 137 -2.29 -12.14 -48.74
C ARG B 137 -1.39 -11.82 -49.94
N ALA B 138 -0.28 -11.11 -49.71
CA ALA B 138 0.62 -10.71 -50.81
C ALA B 138 1.95 -10.19 -50.24
N GLY B 140 5.97 -6.47 -50.75
CA GLY B 140 6.40 -5.09 -50.76
C GLY B 140 6.84 -4.58 -49.40
N PRO B 141 7.87 -3.71 -49.31
CA PRO B 141 8.22 -3.12 -48.02
C PRO B 141 7.04 -2.25 -47.58
N PRO B 142 6.34 -2.57 -46.46
CA PRO B 142 5.16 -1.80 -46.06
C PRO B 142 5.55 -0.49 -45.37
N ALA B 143 4.69 0.53 -45.47
CA ALA B 143 4.97 1.82 -44.78
C ALA B 143 5.07 1.55 -43.27
N ALA B 144 6.18 1.94 -42.66
CA ALA B 144 6.39 1.70 -41.21
C ALA B 144 5.31 2.47 -40.44
N PRO B 145 4.63 1.85 -39.45
CA PRO B 145 3.55 2.52 -38.72
C PRO B 145 4.02 3.77 -37.97
N ARG B 146 3.48 4.96 -38.33
CA ARG B 146 3.83 6.17 -37.63
C ARG B 146 2.99 6.28 -36.37
N ALA B 147 3.54 6.94 -35.37
CA ALA B 147 2.88 7.06 -34.08
C ALA B 147 2.56 8.51 -33.77
N ALA B 148 1.41 8.73 -33.13
CA ALA B 148 1.01 10.03 -32.64
C ALA B 148 0.94 10.00 -31.13
N LEU B 149 1.59 10.96 -30.48
CA LEU B 149 1.49 11.08 -29.04
C LEU B 149 0.21 11.80 -28.66
N LEU B 150 -0.36 11.41 -27.52
CA LEU B 150 -1.61 11.96 -27.01
C LEU B 150 -1.50 12.17 -25.51
N VAL B 151 -1.71 13.40 -25.08
CA VAL B 151 -1.86 13.75 -23.67
C VAL B 151 -3.20 14.43 -23.53
N ALA B 152 -4.05 13.90 -22.67
CA ALA B 152 -5.38 14.47 -22.49
C ALA B 152 -5.80 14.42 -21.03
N GLU B 153 -6.51 15.46 -20.60
CA GLU B 153 -6.96 15.59 -19.23
C GLU B 153 -8.32 16.27 -19.23
N ALA B 154 -9.19 15.85 -18.34
CA ALA B 154 -10.56 16.35 -18.30
C ALA B 154 -11.04 16.40 -16.86
N ASN B 155 -11.98 17.31 -16.60
CA ASN B 155 -12.54 17.50 -15.26
C ASN B 155 -14.04 17.30 -15.30
N ILE B 156 -14.46 16.05 -15.21
CA ILE B 156 -15.86 15.71 -15.22
C ILE B 156 -16.41 15.95 -13.82
N ASP B 157 -17.56 16.59 -13.74
CA ASP B 157 -18.17 16.93 -12.45
C ASP B 157 -19.24 15.89 -12.17
N ILE B 158 -18.83 14.79 -11.56
CA ILE B 158 -19.74 13.75 -11.14
C ILE B 158 -20.05 14.00 -9.67
N ASP B 159 -21.32 13.96 -9.31
CA ASP B 159 -21.70 14.25 -7.93
C ASP B 159 -21.30 13.08 -7.04
N PRO B 160 -20.46 13.29 -6.02
CA PRO B 160 -19.88 12.15 -5.32
C PRO B 160 -20.79 11.50 -4.30
N MET B 161 -22.07 11.81 -4.37
CA MET B 161 -23.07 11.01 -3.70
C MET B 161 -23.72 10.01 -4.64
N ALA B 162 -23.75 10.31 -5.93
CA ALA B 162 -24.18 9.35 -6.93
C ALA B 162 -23.12 8.29 -7.15
N LEU B 163 -21.87 8.65 -6.95
CA LEU B 163 -20.76 7.73 -7.15
C LEU B 163 -20.61 6.80 -5.98
N ALA B 164 -21.33 7.04 -4.89
CA ALA B 164 -21.38 6.16 -3.76
C ALA B 164 -22.59 5.25 -3.76
N ALA B 165 -23.65 5.62 -4.45
CA ALA B 165 -24.79 4.72 -4.59
C ALA B 165 -24.40 3.47 -5.35
N ARG B 166 -23.58 3.64 -6.39
CA ARG B 166 -23.12 2.47 -7.19
C ARG B 166 -22.45 1.45 -6.27
N VAL B 167 -21.46 1.90 -5.49
CA VAL B 167 -20.76 1.00 -4.59
C VAL B 167 -21.67 0.56 -3.45
N ALA B 168 -22.73 1.31 -3.17
CA ALA B 168 -23.76 0.78 -2.28
C ALA B 168 -24.42 -0.44 -2.90
N GLU B 169 -24.66 -0.43 -4.21
CA GLU B 169 -25.17 -1.62 -4.87
C GLU B 169 -24.10 -2.69 -5.11
N HIS B 170 -22.84 -2.31 -5.31
CA HIS B 170 -21.80 -3.23 -5.77
C HIS B 170 -20.59 -3.12 -4.88
N PRO B 171 -20.60 -3.77 -3.71
CA PRO B 171 -19.62 -3.43 -2.67
C PRO B 171 -18.17 -3.58 -3.07
N ASP B 172 -17.85 -4.34 -4.11
CA ASP B 172 -16.47 -4.47 -4.55
C ASP B 172 -16.15 -3.61 -5.76
N ALA B 173 -17.08 -2.76 -6.21
CA ALA B 173 -16.92 -2.03 -7.45
C ALA B 173 -15.68 -1.16 -7.43
N ARG B 174 -14.78 -1.37 -8.37
CA ARG B 174 -13.73 -0.39 -8.61
C ARG B 174 -14.35 0.93 -9.00
N LEU B 175 -13.72 2.00 -8.58
CA LEU B 175 -14.36 3.30 -8.74
C LEU B 175 -14.15 3.92 -10.11
N ALA B 176 -13.24 3.41 -10.92
CA ALA B 176 -13.28 3.80 -12.32
C ALA B 176 -14.59 3.33 -12.95
N TRP B 177 -15.07 2.18 -12.53
CA TRP B 177 -16.35 1.70 -13.00
C TRP B 177 -17.49 2.55 -12.50
N ALA B 178 -17.49 2.91 -11.22
CA ALA B 178 -18.55 3.76 -10.71
C ALA B 178 -18.53 5.11 -11.41
N ARG B 179 -17.33 5.62 -11.65
CA ARG B 179 -17.16 6.85 -12.39
C ARG B 179 -17.80 6.76 -13.77
N LEU B 180 -17.45 5.71 -14.52
CA LEU B 180 -18.05 5.51 -15.84
C LEU B 180 -19.55 5.27 -15.75
N ALA B 181 -20.01 4.53 -14.74
CA ALA B 181 -21.43 4.26 -14.62
C ALA B 181 -22.22 5.53 -14.38
N ALA B 182 -21.69 6.43 -13.56
CA ALA B 182 -22.30 7.74 -13.43
C ALA B 182 -22.29 8.49 -14.75
N ILE B 183 -21.12 8.58 -15.38
CA ILE B 183 -21.03 9.24 -16.69
C ILE B 183 -21.99 8.63 -17.69
N ARG B 184 -22.43 7.41 -17.44
CA ARG B 184 -23.46 6.74 -18.19
C ARG B 184 -24.86 7.10 -17.75
N ASP B 185 -25.07 7.39 -16.48
CA ASP B 185 -26.42 7.69 -16.03
C ASP B 185 -26.78 9.15 -16.26
N THR B 186 -25.79 10.02 -16.45
CA THR B 186 -26.03 11.41 -16.82
C THR B 186 -25.03 11.77 -17.89
N PRO B 187 -25.36 11.55 -19.15
CA PRO B 187 -24.40 11.83 -20.21
C PRO B 187 -23.91 13.25 -20.22
N GLN B 188 -24.71 14.18 -19.73
CA GLN B 188 -24.41 15.60 -19.80
C GLN B 188 -23.23 15.99 -18.95
N CYS B 189 -22.75 15.12 -18.08
CA CYS B 189 -21.53 15.40 -17.32
C CYS B 189 -20.33 15.57 -18.24
N ALA B 190 -20.32 14.87 -19.36
CA ALA B 190 -19.25 15.03 -20.31
C ALA B 190 -19.43 16.24 -21.20
N SER B 191 -20.61 16.86 -21.19
CA SER B 191 -20.80 18.05 -21.99
C SER B 191 -20.17 19.27 -21.35
N ALA B 192 -20.50 19.54 -20.10
CA ALA B 192 -19.90 20.62 -19.34
C ALA B 192 -18.73 20.05 -18.56
N ALA B 193 -17.59 19.98 -19.20
CA ALA B 193 -16.42 19.39 -18.58
C ALA B 193 -15.18 19.97 -19.20
N SER B 194 -14.29 20.49 -18.37
CA SER B 194 -13.04 21.00 -18.89
C SER B 194 -12.26 19.87 -19.53
N LEU B 195 -11.55 20.18 -20.59
CA LEU B 195 -10.76 19.17 -21.27
C LEU B 195 -9.60 19.84 -21.98
N VAL B 197 -6.38 18.71 -24.57
CA VAL B 197 -5.82 17.66 -25.42
C VAL B 197 -4.63 18.24 -26.16
N ASN B 198 -3.60 17.42 -26.33
CA ASN B 198 -2.36 17.84 -27.01
C ASN B 198 -1.87 16.65 -27.84
N ILE B 199 -2.28 16.59 -29.09
CA ILE B 199 -2.00 15.47 -29.98
C ILE B 199 -0.84 15.88 -30.87
N THR B 200 0.33 15.35 -30.58
CA THR B 200 1.52 15.62 -31.36
C THR B 200 1.64 14.56 -32.45
N THR B 201 1.99 14.99 -33.65
CA THR B 201 1.93 14.08 -34.79
C THR B 201 3.12 14.26 -35.72
N GLY B 202 4.23 14.76 -35.22
CA GLY B 202 5.39 14.99 -36.06
C GLY B 202 5.13 15.83 -37.30
N ALA B 204 2.72 18.48 -37.14
CA ALA B 204 1.70 19.40 -36.69
C ALA B 204 1.53 19.31 -35.19
N LEU B 205 0.59 20.05 -34.64
CA LEU B 205 0.35 19.98 -33.21
C LEU B 205 -1.09 20.40 -32.94
N PHE B 206 -1.76 19.65 -32.08
CA PHE B 206 -3.19 19.80 -31.85
C PHE B 206 -3.43 19.96 -30.35
N ALA B 207 -3.37 21.19 -29.86
CA ALA B 207 -3.82 21.50 -28.53
C ALA B 207 -5.24 22.04 -28.60
N ARG B 208 -5.96 21.93 -27.49
CA ARG B 208 -7.34 22.41 -27.47
C ARG B 208 -7.73 22.76 -26.04
N GLU B 209 -7.96 24.04 -25.78
CA GLU B 209 -8.64 24.43 -24.56
C GLU B 209 -10.10 24.03 -24.67
N TYR B 210 -10.70 23.71 -23.54
CA TYR B 210 -12.15 23.51 -23.50
C TYR B 210 -12.59 23.80 -22.07
N GLN B 211 -13.04 25.01 -21.81
CA GLN B 211 -13.51 25.30 -20.48
C GLN B 211 -14.77 24.49 -20.19
N THR B 212 -15.67 24.45 -21.17
CA THR B 212 -16.75 23.48 -21.20
C THR B 212 -16.75 22.90 -22.60
N LEU B 213 -16.74 21.58 -22.67
CA LEU B 213 -16.42 20.87 -23.91
C LEU B 213 -17.51 20.99 -24.94
N ALA B 214 -18.64 21.59 -24.62
CA ALA B 214 -19.67 21.82 -25.61
C ALA B 214 -19.59 23.20 -26.24
N PHE B 215 -18.65 24.00 -25.83
CA PHE B 215 -18.45 25.35 -26.33
C PHE B 215 -17.09 25.41 -27.02
N PRO B 216 -16.76 26.53 -27.69
CA PRO B 216 -15.48 26.70 -28.38
C PRO B 216 -14.23 26.35 -27.57
N GLY B 222 -3.92 24.56 -33.42
CA GLY B 222 -3.83 23.66 -34.55
C GLY B 222 -5.15 23.34 -35.21
N ALA B 223 -5.13 22.65 -36.33
CA ALA B 223 -6.33 22.41 -37.13
C ALA B 223 -6.69 20.93 -37.11
N PHE B 224 -7.96 20.66 -36.97
CA PHE B 224 -8.57 19.33 -36.99
C PHE B 224 -8.67 18.79 -38.34
N GLY B 225 -7.99 19.45 -39.27
CA GLY B 225 -7.94 18.99 -40.63
C GLY B 225 -6.56 18.51 -41.00
N ASP B 226 -5.53 19.01 -40.30
CA ASP B 226 -4.20 18.46 -40.49
C ASP B 226 -3.93 17.27 -39.61
N LEU B 227 -4.84 16.97 -38.70
CA LEU B 227 -4.74 15.78 -37.89
C LEU B 227 -5.56 14.64 -38.46
N VAL B 228 -6.80 14.89 -38.86
CA VAL B 228 -7.61 13.88 -39.51
C VAL B 228 -8.03 14.38 -40.88
N GLU B 229 -8.48 13.45 -41.69
CA GLU B 229 -9.09 13.74 -42.97
C GLU B 229 -10.50 13.18 -42.96
N VAL B 230 -11.47 14.01 -43.25
CA VAL B 230 -12.86 13.60 -43.19
C VAL B 230 -13.24 13.09 -44.56
N CYS B 231 -13.58 11.82 -44.64
CA CYS B 231 -13.86 11.16 -45.90
C CYS B 231 -15.27 10.64 -45.90
N GLU B 232 -15.99 10.87 -46.99
CA GLU B 232 -17.29 10.28 -47.22
C GLU B 232 -17.21 9.32 -48.40
N VAL B 233 -17.61 8.08 -48.17
CA VAL B 233 -17.59 7.02 -49.18
C VAL B 233 -19.01 6.53 -49.36
N GLY B 234 -19.40 6.29 -50.60
CA GLY B 234 -20.72 5.79 -50.93
C GLY B 234 -20.69 4.28 -51.11
N LEU B 235 -21.63 3.61 -50.48
CA LEU B 235 -21.66 2.16 -50.42
C LEU B 235 -23.05 1.66 -50.76
N ARG B 236 -23.11 0.43 -51.25
CA ARG B 236 -24.42 -0.18 -51.61
C ARG B 236 -24.48 -1.58 -50.98
N PRO B 237 -24.65 -1.70 -49.66
CA PRO B 237 -24.62 -3.00 -48.99
C PRO B 237 -25.74 -3.91 -49.48
N ARG B 238 -25.49 -5.22 -49.49
CA ARG B 238 -26.52 -6.20 -49.96
C ARG B 238 -27.73 -6.17 -49.03
N GLY B 239 -27.50 -6.15 -47.71
CA GLY B 239 -28.61 -6.18 -46.75
C GLY B 239 -29.16 -4.80 -46.45
N HIS B 240 -28.92 -3.84 -47.36
CA HIS B 240 -29.49 -2.48 -47.18
C HIS B 240 -29.95 -1.98 -48.56
N PRO B 241 -31.26 -1.78 -48.77
CA PRO B 241 -31.78 -1.36 -50.07
C PRO B 241 -31.64 0.15 -50.33
N GLN B 242 -30.43 0.68 -50.22
CA GLN B 242 -30.19 2.12 -50.50
C GLN B 242 -28.70 2.38 -50.66
N ARG B 243 -28.32 3.51 -51.26
CA ARG B 243 -26.89 3.88 -51.38
C ARG B 243 -26.46 4.53 -50.06
N VAL B 244 -26.13 3.71 -49.06
CA VAL B 244 -25.75 4.25 -47.72
C VAL B 244 -24.47 5.07 -47.88
N THR B 245 -24.29 6.09 -47.03
CA THR B 245 -23.10 6.98 -47.13
C THR B 245 -22.33 6.95 -45.82
N ALA B 246 -21.10 6.43 -45.84
CA ALA B 246 -20.32 6.33 -44.63
C ALA B 246 -19.32 7.47 -44.55
N ARG B 247 -19.36 8.21 -43.46
CA ARG B 247 -18.42 9.28 -43.18
C ARG B 247 -17.47 8.81 -42.10
N VAL B 248 -16.18 9.00 -42.33
CA VAL B 248 -15.16 8.47 -41.49
C VAL B 248 -14.14 9.57 -41.20
N LEU B 249 -13.17 9.24 -40.36
CA LEU B 249 -12.03 10.11 -40.09
C LEU B 249 -10.77 9.32 -40.40
N LEU B 250 -10.15 9.61 -41.53
CA LEU B 250 -8.95 8.93 -41.93
C LEU B 250 -7.75 9.63 -41.34
N PRO B 251 -7.00 9.00 -40.46
CA PRO B 251 -5.79 9.61 -39.94
C PRO B 251 -4.82 9.93 -41.05
N ARG B 252 -4.10 11.03 -40.87
CA ARG B 252 -3.00 11.39 -41.75
C ARG B 252 -1.71 11.38 -40.95
N ASP B 253 -0.67 10.81 -41.56
CA ASP B 253 0.69 10.75 -41.03
C ASP B 253 0.81 10.12 -39.64
N TYR B 254 -0.26 9.56 -39.11
CA TYR B 254 -0.19 8.73 -37.91
C TYR B 254 -1.10 7.53 -38.07
N ASP B 255 -0.76 6.44 -37.40
CA ASP B 255 -1.60 5.26 -37.43
C ASP B 255 -2.18 4.87 -36.08
N TYR B 256 -1.59 5.30 -34.96
CA TYR B 256 -2.18 5.03 -33.67
C TYR B 256 -1.75 6.09 -32.67
N PHE B 257 -2.52 6.18 -31.59
CA PHE B 257 -2.16 7.07 -30.50
C PHE B 257 -1.37 6.31 -29.44
N VAL B 258 -0.53 7.04 -28.71
CA VAL B 258 0.16 6.53 -27.54
C VAL B 258 -0.03 7.52 -26.41
N SER B 259 -0.50 7.02 -25.28
CA SER B 259 -0.87 7.86 -24.18
C SER B 259 0.04 7.64 -22.98
N SER B 265 -6.88 8.79 -19.13
CA SER B 265 -8.14 8.79 -18.35
C SER B 265 -9.29 8.29 -19.23
N ALA B 266 -10.04 7.30 -18.76
CA ALA B 266 -11.16 6.74 -19.55
C ALA B 266 -12.20 7.84 -19.80
N PRO B 267 -12.76 8.53 -18.77
CA PRO B 267 -13.79 9.52 -18.99
C PRO B 267 -13.23 10.63 -19.90
N ALA B 268 -11.92 10.88 -19.80
CA ALA B 268 -11.31 11.98 -20.58
C ALA B 268 -11.38 11.68 -22.07
N LEU B 269 -10.90 10.51 -22.47
CA LEU B 269 -10.88 10.16 -23.92
C LEU B 269 -12.31 10.02 -24.40
N VAL B 270 -13.12 9.29 -23.64
CA VAL B 270 -14.52 9.10 -24.02
C VAL B 270 -15.16 10.43 -24.39
N ALA B 271 -15.00 11.45 -23.55
CA ALA B 271 -15.68 12.71 -23.81
C ALA B 271 -15.05 13.45 -24.97
N LEU B 272 -13.73 13.33 -25.15
CA LEU B 272 -13.10 13.91 -26.32
C LEU B 272 -13.65 13.32 -27.59
N PHE B 273 -13.63 12.00 -27.70
CA PHE B 273 -14.09 11.35 -28.91
C PHE B 273 -15.58 11.52 -29.08
N ARG B 274 -16.30 11.73 -28.00
CA ARG B 274 -17.72 11.96 -28.09
C ARG B 274 -18.01 13.35 -28.64
N GLN B 275 -17.15 14.30 -28.31
CA GLN B 275 -17.28 15.60 -28.92
C GLN B 275 -16.98 15.53 -30.39
N TRP B 276 -15.91 14.83 -30.75
CA TRP B 276 -15.56 14.68 -32.16
C TRP B 276 -16.69 14.05 -32.94
N HIS B 277 -17.35 13.06 -32.35
CA HIS B 277 -18.47 12.39 -32.99
C HIS B 277 -19.66 13.31 -33.14
N THR B 278 -20.05 13.98 -32.08
CA THR B 278 -21.17 14.90 -32.17
C THR B 278 -20.92 15.98 -33.19
N THR B 279 -19.67 16.36 -33.39
CA THR B 279 -19.34 17.42 -34.33
C THR B 279 -19.32 16.91 -35.77
N VAL B 280 -18.57 15.85 -36.03
CA VAL B 280 -18.44 15.31 -37.39
C VAL B 280 -19.79 14.83 -37.89
N HIS B 281 -20.50 14.09 -37.08
CA HIS B 281 -21.75 13.48 -37.51
C HIS B 281 -22.92 14.38 -37.12
N ALA B 282 -22.89 15.59 -37.65
CA ALA B 282 -23.93 16.56 -37.41
C ALA B 282 -24.96 16.60 -38.52
N ALA B 283 -24.53 16.59 -39.76
CA ALA B 283 -25.40 16.75 -40.91
C ALA B 283 -25.91 15.40 -41.38
N PRO B 284 -26.88 15.38 -42.29
CA PRO B 284 -27.43 14.09 -42.74
C PRO B 284 -26.49 13.15 -43.49
N ALA B 285 -26.11 12.05 -42.81
CA ALA B 285 -25.40 10.87 -43.33
C ALA B 285 -25.45 9.78 -42.27
N LEU B 286 -24.66 8.72 -42.40
CA LEU B 286 -24.75 7.56 -41.52
C LEU B 286 -23.81 7.70 -40.32
N ALA B 287 -24.20 7.16 -39.16
CA ALA B 287 -23.55 7.43 -37.89
C ALA B 287 -22.86 6.22 -37.29
N PRO B 288 -21.57 6.28 -37.02
CA PRO B 288 -20.85 5.12 -36.47
C PRO B 288 -21.25 4.69 -35.08
N VAL B 289 -20.50 3.74 -34.54
CA VAL B 289 -20.97 3.02 -33.36
C VAL B 289 -20.55 3.69 -32.06
N PHE B 290 -19.30 4.11 -31.89
CA PHE B 290 -18.91 4.70 -30.62
C PHE B 290 -19.07 3.70 -29.48
N ALA B 291 -18.19 2.71 -29.47
CA ALA B 291 -18.15 1.78 -28.35
C ALA B 291 -16.71 1.59 -27.93
N PHE B 292 -16.46 1.64 -26.64
CA PHE B 292 -15.13 1.38 -26.10
C PHE B 292 -15.19 0.32 -25.02
N LEU B 293 -14.08 -0.38 -24.89
CA LEU B 293 -13.92 -1.37 -23.85
C LEU B 293 -12.58 -1.17 -23.19
N GLY B 294 -12.55 -1.47 -21.91
CA GLY B 294 -11.37 -1.44 -21.09
C GLY B 294 -11.67 -2.09 -19.76
N PRO B 295 -10.66 -2.30 -18.92
CA PRO B 295 -10.92 -2.86 -17.61
C PRO B 295 -11.79 -2.00 -16.74
N GLU B 296 -11.85 -0.71 -17.02
CA GLU B 296 -12.73 0.18 -16.29
C GLU B 296 -14.19 -0.09 -16.58
N PHE B 297 -14.49 -0.91 -17.57
CA PHE B 297 -15.86 -1.12 -17.98
C PHE B 297 -16.50 -2.32 -17.30
N GLU B 298 -15.77 -3.03 -16.47
CA GLU B 298 -16.31 -4.09 -15.66
C GLU B 298 -16.38 -3.68 -14.21
N VAL B 299 -17.32 -4.27 -13.48
CA VAL B 299 -17.55 -3.87 -12.10
C VAL B 299 -16.35 -4.19 -11.24
N ARG B 300 -15.78 -5.35 -11.42
CA ARG B 300 -14.67 -5.83 -10.61
C ARG B 300 -13.34 -5.59 -11.27
N GLY B 301 -13.30 -4.75 -12.26
CA GLY B 301 -12.03 -4.40 -12.82
C GLY B 301 -11.42 -5.49 -13.67
N GLY B 302 -10.15 -5.28 -13.97
CA GLY B 302 -9.40 -6.22 -14.76
C GLY B 302 -7.94 -5.84 -14.75
N PRO B 303 -7.09 -6.82 -14.56
CA PRO B 303 -5.74 -6.52 -14.08
C PRO B 303 -4.93 -5.62 -14.98
N VAL B 304 -5.07 -5.74 -16.29
CA VAL B 304 -4.16 -5.09 -17.21
C VAL B 304 -4.82 -3.85 -17.77
N PRO B 305 -4.08 -2.78 -18.06
CA PRO B 305 -4.66 -1.63 -18.73
C PRO B 305 -4.70 -1.77 -20.24
N TYR B 306 -5.75 -1.21 -20.82
CA TYR B 306 -5.93 -1.11 -22.25
C TYR B 306 -7.10 -0.21 -22.50
N PHE B 307 -7.13 0.42 -23.65
CA PHE B 307 -8.28 1.19 -24.09
C PHE B 307 -8.61 0.72 -25.49
N ALA B 308 -9.69 -0.03 -25.63
CA ALA B 308 -10.04 -0.64 -26.89
C ALA B 308 -10.99 0.26 -27.65
N VAL B 309 -10.53 0.76 -28.77
CA VAL B 309 -11.38 1.47 -29.71
C VAL B 309 -11.97 0.43 -30.64
N LEU B 310 -13.29 0.36 -30.68
CA LEU B 310 -13.94 -0.58 -31.55
C LEU B 310 -15.13 0.06 -32.22
N GLY B 311 -14.94 1.27 -32.72
CA GLY B 311 -16.04 2.11 -33.10
C GLY B 311 -15.58 3.42 -33.69
N PHE B 312 -16.20 4.53 -33.28
CA PHE B 312 -16.19 5.79 -34.03
C PHE B 312 -14.84 6.22 -34.54
N PRO B 313 -13.85 6.52 -33.69
CA PRO B 313 -12.67 7.24 -34.19
C PRO B 313 -12.04 6.52 -35.37
N GLY B 314 -11.66 5.28 -35.18
CA GLY B 314 -11.26 4.47 -36.31
C GLY B 314 -9.90 3.86 -36.16
N TRP B 315 -9.22 4.14 -35.06
CA TRP B 315 -7.84 3.73 -34.89
C TRP B 315 -7.58 3.59 -33.41
N PRO B 316 -6.54 2.85 -33.03
CA PRO B 316 -6.33 2.56 -31.61
C PRO B 316 -5.83 3.70 -30.73
N THR B 317 -5.60 3.39 -29.45
CA THR B 317 -5.04 4.32 -28.47
C THR B 317 -4.31 3.44 -27.45
N PHE B 318 -3.02 3.24 -27.67
CA PHE B 318 -2.22 2.36 -26.82
C PHE B 318 -1.89 3.08 -25.54
N THR B 319 -2.60 2.75 -24.46
CA THR B 319 -2.40 3.39 -23.17
C THR B 319 -1.30 2.65 -22.42
N LEU B 330 7.72 -1.96 -24.22
CA LEU B 330 7.66 -0.52 -24.45
C LEU B 330 6.35 -0.23 -25.17
N VAL B 331 6.43 0.43 -26.31
CA VAL B 331 5.27 0.63 -27.16
C VAL B 331 5.36 -0.22 -28.42
N ARG B 332 6.54 -0.71 -28.76
CA ARG B 332 6.64 -1.72 -29.79
C ARG B 332 5.91 -2.98 -29.35
N GLY B 333 5.78 -3.18 -28.05
CA GLY B 333 5.02 -4.29 -27.53
C GLY B 333 3.54 -4.21 -27.83
N ALA B 334 2.90 -3.11 -27.44
CA ALA B 334 1.49 -2.96 -27.73
C ALA B 334 1.25 -2.92 -29.22
N ALA B 335 2.14 -2.29 -29.96
CA ALA B 335 2.00 -2.26 -31.40
C ALA B 335 2.01 -3.66 -31.99
N ALA B 336 2.99 -4.47 -31.59
CA ALA B 336 3.07 -5.81 -32.15
C ALA B 336 1.92 -6.68 -31.69
N ALA B 337 1.47 -6.52 -30.45
CA ALA B 337 0.35 -7.34 -29.99
C ALA B 337 -0.91 -7.00 -30.77
N TYR B 338 -1.17 -5.71 -30.92
CA TYR B 338 -2.17 -5.22 -31.83
C TYR B 338 -2.11 -5.93 -33.17
N ALA B 339 -0.97 -5.82 -33.84
CA ALA B 339 -0.87 -6.34 -35.20
C ALA B 339 -1.07 -7.84 -35.25
N ALA B 340 -0.52 -8.56 -34.29
CA ALA B 340 -0.56 -10.01 -34.34
C ALA B 340 -1.96 -10.53 -34.09
N LEU B 341 -2.65 -10.00 -33.09
CA LEU B 341 -3.97 -10.50 -32.76
C LEU B 341 -5.06 -9.61 -33.34
N LEU B 342 -4.76 -8.93 -34.43
CA LEU B 342 -5.72 -8.12 -35.19
C LEU B 342 -6.40 -7.08 -34.33
N GLY B 343 -5.82 -6.76 -33.19
CA GLY B 343 -6.29 -5.65 -32.40
C GLY B 343 -7.37 -6.00 -31.43
N ALA B 344 -7.89 -7.22 -31.48
CA ALA B 344 -8.95 -7.60 -30.57
C ALA B 344 -8.44 -7.93 -29.19
N TRP B 345 -7.12 -8.04 -29.00
CA TRP B 345 -6.57 -8.34 -27.68
C TRP B 345 -6.08 -7.08 -27.03
N PRO B 346 -6.40 -6.86 -25.78
CA PRO B 346 -7.18 -7.71 -24.89
C PRO B 346 -8.65 -7.45 -24.95
N ALA B 347 -9.10 -6.68 -25.93
CA ALA B 347 -10.48 -6.24 -25.93
C ALA B 347 -11.45 -7.41 -25.83
N VAL B 348 -11.27 -8.42 -26.67
CA VAL B 348 -12.27 -9.47 -26.79
C VAL B 348 -12.03 -10.57 -25.77
N GLY B 349 -10.80 -10.72 -25.31
CA GLY B 349 -10.48 -11.68 -24.27
C GLY B 349 -9.90 -12.95 -24.86
N ALA B 350 -10.38 -14.09 -24.38
CA ALA B 350 -9.91 -15.38 -24.88
C ALA B 350 -10.54 -15.74 -26.20
N ARG B 351 -11.48 -14.94 -26.69
CA ARG B 351 -12.08 -15.18 -27.97
C ARG B 351 -11.14 -14.93 -29.12
N VAL B 352 -9.94 -14.46 -28.85
CA VAL B 352 -8.95 -14.31 -29.89
C VAL B 352 -8.64 -15.67 -30.50
N VAL B 353 -8.46 -16.69 -29.66
CA VAL B 353 -8.00 -17.98 -30.16
C VAL B 353 -9.16 -18.79 -30.68
N LEU B 354 -10.21 -18.97 -29.89
CA LEU B 354 -11.29 -19.83 -30.31
C LEU B 354 -12.50 -19.51 -29.48
N PRO B 355 -13.69 -19.56 -30.06
CA PRO B 355 -14.90 -19.22 -29.32
C PRO B 355 -14.97 -19.92 -27.98
N PRO B 356 -15.66 -19.35 -27.04
CA PRO B 356 -15.92 -20.06 -25.79
C PRO B 356 -16.58 -21.43 -25.98
N ARG B 357 -17.81 -21.49 -26.48
CA ARG B 357 -18.53 -22.75 -26.55
C ARG B 357 -18.15 -23.59 -27.75
N ALA B 358 -16.94 -23.43 -28.26
CA ALA B 358 -16.33 -24.43 -29.11
C ALA B 358 -15.07 -25.01 -28.48
N TRP B 359 -14.85 -24.74 -27.20
CA TRP B 359 -13.80 -25.33 -26.39
C TRP B 359 -14.13 -26.70 -25.84
N PRO B 360 -15.38 -26.98 -25.44
CA PRO B 360 -15.68 -28.36 -25.06
C PRO B 360 -15.41 -29.38 -26.13
N GLY B 361 -15.68 -29.05 -27.39
CA GLY B 361 -15.37 -29.97 -28.46
C GLY B 361 -13.88 -30.22 -28.59
N VAL B 362 -13.07 -29.15 -28.57
CA VAL B 362 -11.64 -29.36 -28.72
C VAL B 362 -11.09 -30.08 -27.51
N ALA B 363 -11.63 -29.81 -26.34
CA ALA B 363 -11.20 -30.52 -25.15
C ALA B 363 -11.43 -32.00 -25.28
N SER B 364 -12.65 -32.40 -25.62
CA SER B 364 -12.93 -33.83 -25.77
C SER B 364 -12.10 -34.43 -26.89
N ALA B 365 -11.99 -33.73 -28.02
CA ALA B 365 -11.31 -34.28 -29.16
C ALA B 365 -9.84 -34.51 -28.87
N ALA B 366 -9.20 -33.53 -28.23
CA ALA B 366 -7.80 -33.71 -27.86
C ALA B 366 -7.67 -34.80 -26.84
N ALA B 367 -8.64 -34.90 -25.92
CA ALA B 367 -8.60 -35.96 -24.94
C ALA B 367 -8.60 -37.32 -25.59
N GLY B 368 -9.40 -37.49 -26.63
CA GLY B 368 -9.44 -38.77 -27.32
C GLY B 368 -8.14 -39.16 -27.98
N CYS B 369 -7.38 -38.19 -28.48
CA CYS B 369 -6.18 -38.54 -29.22
C CYS B 369 -5.03 -38.99 -28.33
N LEU B 370 -5.17 -38.85 -27.03
CA LEU B 370 -4.06 -39.12 -26.15
C LEU B 370 -3.99 -40.61 -25.83
N LEU B 371 -2.82 -41.06 -25.41
CA LEU B 371 -2.66 -42.46 -25.02
C LEU B 371 -3.45 -42.75 -23.76
N PRO B 372 -4.08 -43.93 -23.66
CA PRO B 372 -5.09 -44.14 -22.62
C PRO B 372 -4.60 -44.02 -21.21
N ALA B 373 -3.32 -44.25 -20.94
CA ALA B 373 -2.79 -43.92 -19.62
C ALA B 373 -2.90 -42.44 -19.36
N VAL B 374 -2.41 -41.64 -20.32
CA VAL B 374 -2.51 -40.20 -20.19
C VAL B 374 -3.96 -39.78 -20.12
N ARG B 375 -4.86 -40.52 -20.77
CA ARG B 375 -6.24 -40.10 -20.72
C ARG B 375 -6.85 -40.36 -19.37
N GLU B 376 -6.48 -41.47 -18.73
CA GLU B 376 -6.96 -41.68 -17.38
C GLU B 376 -6.42 -40.60 -16.47
N ALA B 377 -5.22 -40.10 -16.77
CA ALA B 377 -4.70 -38.96 -16.03
C ALA B 377 -5.54 -37.71 -16.27
N VAL B 378 -5.89 -37.44 -17.52
CA VAL B 378 -6.65 -36.27 -17.89
C VAL B 378 -8.06 -36.33 -17.33
N ALA B 379 -8.54 -37.51 -16.97
CA ALA B 379 -9.90 -37.65 -16.52
C ALA B 379 -10.03 -37.69 -15.00
N ARG B 380 -8.94 -37.95 -14.29
CA ARG B 380 -8.98 -38.00 -12.85
C ARG B 380 -8.09 -36.92 -12.25
N TRP B 381 -7.76 -35.91 -13.03
CA TRP B 381 -7.05 -34.73 -12.52
C TRP B 381 -7.96 -34.01 -11.54
N HIS B 382 -7.52 -33.80 -10.51
CA HIS B 382 -8.15 -32.84 -9.64
C HIS B 382 -7.08 -31.87 -9.14
N PRO B 383 -7.40 -30.59 -8.91
CA PRO B 383 -6.32 -29.60 -8.71
C PRO B 383 -5.35 -29.94 -7.61
N ALA B 384 -5.83 -30.49 -6.50
CA ALA B 384 -5.01 -30.80 -5.34
C ALA B 384 -4.76 -32.30 -5.34
N THR B 385 -3.68 -32.71 -6.02
CA THR B 385 -3.26 -34.09 -6.08
C THR B 385 -1.74 -34.16 -5.92
N LYS B 386 -1.28 -35.27 -5.41
CA LYS B 386 0.15 -35.49 -5.19
C LYS B 386 0.62 -36.46 -6.26
N ILE B 387 1.18 -35.93 -7.34
CA ILE B 387 1.58 -36.74 -8.48
C ILE B 387 3.01 -37.24 -8.31
N ILE B 388 3.95 -36.34 -8.05
CA ILE B 388 5.31 -36.71 -7.73
C ILE B 388 5.49 -36.61 -6.22
N GLN B 389 6.19 -37.57 -5.64
CA GLN B 389 6.61 -37.39 -4.26
C GLN B 389 7.64 -36.29 -4.19
N LEU B 390 7.36 -35.29 -3.36
CA LEU B 390 8.20 -34.13 -3.16
C LEU B 390 8.68 -34.12 -1.72
N LEU B 391 9.69 -33.31 -1.44
CA LEU B 391 10.05 -33.05 -0.05
C LEU B 391 8.85 -32.49 0.69
N ASP B 392 8.33 -33.24 1.68
CA ASP B 392 7.11 -32.77 2.38
C ASP B 392 7.49 -31.67 3.37
N PRO B 393 7.07 -30.41 3.15
CA PRO B 393 7.46 -29.30 4.03
C PRO B 393 6.89 -29.48 5.44
N PRO B 394 7.59 -29.06 6.52
CA PRO B 394 8.83 -28.29 6.41
C PRO B 394 10.04 -29.20 6.16
N ALA B 395 10.92 -28.79 5.26
CA ALA B 395 12.10 -29.61 4.91
C ALA B 395 13.22 -28.71 4.42
N ALA B 396 14.46 -29.15 4.58
CA ALA B 396 15.62 -28.36 4.12
C ALA B 396 16.64 -29.29 3.48
N VAL B 397 17.31 -28.85 2.43
CA VAL B 397 18.39 -29.67 1.80
C VAL B 397 19.72 -28.96 2.05
N GLY B 398 20.65 -29.65 2.72
CA GLY B 398 21.92 -29.02 3.11
C GLY B 398 22.96 -29.02 2.00
N PRO B 399 24.26 -29.18 2.31
CA PRO B 399 25.30 -29.09 1.29
C PRO B 399 25.09 -30.15 0.20
N VAL B 400 24.48 -29.78 -0.91
CA VAL B 400 24.26 -30.71 -2.06
C VAL B 400 24.38 -29.86 -3.32
N TRP B 401 24.35 -30.47 -4.50
CA TRP B 401 24.36 -29.62 -5.72
C TRP B 401 22.91 -29.36 -6.16
N THR B 402 22.16 -28.57 -5.39
CA THR B 402 20.75 -28.25 -5.70
C THR B 402 20.65 -27.47 -7.01
N ALA B 403 19.58 -27.69 -7.78
CA ALA B 403 19.41 -27.03 -9.09
C ALA B 403 17.93 -26.74 -9.33
N ARG B 404 17.64 -25.72 -10.11
CA ARG B 404 16.23 -25.37 -10.42
C ARG B 404 16.07 -25.27 -11.94
N PHE B 405 15.33 -26.20 -12.55
CA PHE B 405 15.13 -26.19 -14.01
C PHE B 405 13.68 -25.82 -14.32
N CYS B 406 13.44 -25.02 -15.36
CA CYS B 406 12.04 -24.71 -15.76
C CYS B 406 11.87 -24.88 -17.27
N PHE B 407 10.78 -25.50 -17.71
CA PHE B 407 10.48 -25.63 -19.16
C PHE B 407 9.74 -24.37 -19.57
N PRO B 408 10.41 -23.34 -20.14
CA PRO B 408 9.76 -22.06 -20.40
C PRO B 408 8.47 -22.11 -21.24
N GLY B 409 7.46 -21.36 -20.82
CA GLY B 409 6.21 -21.26 -21.59
C GLY B 409 5.58 -22.61 -21.93
N LEU B 410 5.65 -23.58 -21.02
CA LEU B 410 5.14 -24.94 -21.37
C LEU B 410 3.61 -24.91 -21.47
N ARG B 411 2.93 -24.17 -20.60
CA ARG B 411 1.44 -24.18 -20.59
C ARG B 411 0.92 -23.66 -21.94
N ALA B 412 1.48 -22.57 -22.44
CA ALA B 412 1.07 -22.01 -23.74
C ALA B 412 1.41 -23.00 -24.86
N GLN B 413 2.57 -23.65 -24.79
CA GLN B 413 2.97 -24.63 -25.82
C GLN B 413 1.97 -25.79 -25.80
N LEU B 414 1.62 -26.27 -24.60
CA LEU B 414 0.64 -27.38 -24.47
C LEU B 414 -0.67 -26.94 -25.08
N LEU B 415 -1.18 -25.75 -24.72
CA LEU B 415 -2.52 -25.33 -25.20
C LEU B 415 -2.51 -25.29 -26.73
N ALA B 416 -1.47 -24.71 -27.32
CA ALA B 416 -1.38 -24.60 -28.79
C ALA B 416 -1.38 -25.99 -29.41
N ALA B 417 -0.57 -26.91 -28.89
CA ALA B 417 -0.49 -28.29 -29.42
C ALA B 417 -1.83 -29.02 -29.26
N LEU B 418 -2.44 -28.89 -28.08
CA LEU B 418 -3.72 -29.61 -27.81
C LEU B 418 -4.84 -29.01 -28.67
N ALA B 419 -4.73 -27.73 -29.02
CA ALA B 419 -5.73 -27.11 -29.92
C ALA B 419 -5.65 -27.76 -31.29
N ASP B 420 -4.44 -27.99 -31.81
CA ASP B 420 -4.27 -28.66 -33.13
C ASP B 420 -4.71 -30.12 -33.03
N LEU B 421 -4.38 -30.78 -31.91
CA LEU B 421 -4.77 -32.20 -31.70
C LEU B 421 -6.30 -32.28 -31.65
N GLY B 422 -6.95 -31.29 -31.05
CA GLY B 422 -8.42 -31.30 -30.95
C GLY B 422 -9.07 -30.59 -32.13
N GLY B 423 -8.27 -30.15 -33.11
CA GLY B 423 -8.83 -29.40 -34.25
C GLY B 423 -9.88 -30.19 -34.99
N SER B 424 -9.62 -31.49 -35.22
CA SER B 424 -10.58 -32.35 -35.95
C SER B 424 -11.92 -32.38 -35.22
N GLY B 431 -11.89 -20.67 -39.14
CA GLY B 431 -12.16 -21.60 -38.01
C GLY B 431 -10.90 -21.84 -37.19
N ARG B 432 -9.76 -21.99 -37.87
CA ARG B 432 -8.48 -22.25 -37.16
C ARG B 432 -7.60 -21.00 -37.27
N THR B 433 -8.24 -19.85 -37.48
CA THR B 433 -7.47 -18.58 -37.59
C THR B 433 -6.89 -18.20 -36.22
N GLY B 434 -7.72 -18.30 -35.16
CA GLY B 434 -7.24 -17.99 -33.80
C GLY B 434 -6.28 -19.05 -33.29
N LEU B 435 -6.49 -20.31 -33.68
CA LEU B 435 -5.54 -21.38 -33.29
C LEU B 435 -4.16 -20.98 -33.80
N ALA B 436 -4.10 -20.45 -35.03
CA ALA B 436 -2.83 -20.01 -35.62
C ALA B 436 -2.29 -18.83 -34.80
N ARG B 437 -3.19 -17.99 -34.30
CA ARG B 437 -2.75 -16.80 -33.54
C ARG B 437 -2.01 -17.25 -32.27
N LEU B 438 -2.53 -18.27 -31.57
CA LEU B 438 -1.85 -18.80 -30.36
C LEU B 438 -0.48 -19.34 -30.77
N ASP B 439 -0.43 -20.13 -31.83
CA ASP B 439 0.86 -20.73 -32.27
C ASP B 439 1.83 -19.58 -32.55
N ALA B 440 1.33 -18.49 -33.13
CA ALA B 440 2.25 -17.38 -33.50
C ALA B 440 2.90 -16.84 -32.23
N LEU B 441 2.10 -16.58 -31.19
CA LEU B 441 2.64 -16.03 -29.94
C LEU B 441 3.64 -17.02 -29.37
N VAL B 442 3.35 -18.31 -29.44
CA VAL B 442 4.26 -19.37 -28.92
C VAL B 442 5.63 -19.31 -29.61
N VAL B 443 5.65 -19.11 -30.93
CA VAL B 443 6.96 -19.15 -31.66
C VAL B 443 7.71 -17.84 -31.49
N ALA B 444 7.06 -16.82 -30.90
CA ALA B 444 7.71 -15.49 -30.74
C ALA B 444 7.95 -15.21 -29.25
N ALA B 445 7.06 -15.69 -28.39
CA ALA B 445 7.20 -15.45 -26.93
C ALA B 445 8.65 -15.69 -26.48
N PRO B 446 9.33 -16.80 -26.87
CA PRO B 446 10.67 -17.06 -26.40
C PRO B 446 11.62 -15.87 -26.61
N SER B 447 11.47 -15.15 -27.71
CA SER B 447 12.45 -14.06 -28.02
C SER B 447 11.77 -12.70 -27.96
N GLU B 448 10.46 -12.64 -28.20
CA GLU B 448 9.72 -11.36 -28.08
C GLU B 448 9.01 -11.32 -26.73
N PRO B 449 9.43 -10.45 -25.79
CA PRO B 449 8.84 -10.41 -24.45
C PRO B 449 7.33 -10.08 -24.44
N TRP B 450 6.89 -9.22 -25.36
CA TRP B 450 5.47 -8.80 -25.41
C TRP B 450 4.58 -10.02 -25.54
N ALA B 451 4.94 -10.95 -26.43
CA ALA B 451 4.09 -12.15 -26.67
C ALA B 451 3.90 -12.92 -25.38
N GLY B 452 4.91 -12.93 -24.52
CA GLY B 452 4.83 -13.66 -23.25
C GLY B 452 3.71 -13.11 -22.40
N ALA B 453 3.70 -11.79 -22.20
CA ALA B 453 2.67 -11.19 -21.32
C ALA B 453 1.29 -11.63 -21.82
N VAL B 454 1.11 -11.66 -23.14
CA VAL B 454 -0.23 -12.03 -23.70
C VAL B 454 -0.55 -13.47 -23.31
N LEU B 455 0.36 -14.40 -23.57
CA LEU B 455 0.09 -15.83 -23.27
C LEU B 455 -0.08 -16.00 -21.77
N GLU B 456 0.75 -15.31 -20.99
CA GLU B 456 0.70 -15.45 -19.51
C GLU B 456 -0.70 -15.04 -19.05
N ARG B 457 -1.38 -14.19 -19.81
CA ARG B 457 -2.77 -13.83 -19.47
C ARG B 457 -3.71 -14.66 -20.36
N LEU B 458 -3.28 -15.03 -21.57
CA LEU B 458 -4.18 -15.75 -22.51
C LEU B 458 -4.47 -17.16 -21.98
N VAL B 459 -3.44 -17.94 -21.66
CA VAL B 459 -3.67 -19.35 -21.23
C VAL B 459 -4.59 -19.34 -19.99
N PRO B 460 -4.26 -18.61 -18.91
CA PRO B 460 -5.15 -18.54 -17.75
C PRO B 460 -6.57 -18.09 -18.12
N ASP B 461 -6.69 -17.15 -19.03
CA ASP B 461 -8.03 -16.63 -19.41
C ASP B 461 -8.71 -17.60 -20.38
N THR B 462 -7.93 -18.42 -21.07
CA THR B 462 -8.53 -19.42 -21.97
C THR B 462 -9.34 -20.39 -21.12
N CYS B 463 -8.84 -20.75 -19.95
CA CYS B 463 -9.64 -21.63 -19.06
C CYS B 463 -10.28 -20.83 -17.94
N ASN B 464 -10.09 -19.52 -17.94
CA ASN B 464 -10.89 -18.73 -16.97
C ASN B 464 -12.32 -19.01 -17.44
N ALA B 465 -12.44 -19.71 -18.58
CA ALA B 465 -13.77 -19.99 -19.15
C ALA B 465 -13.98 -21.51 -19.27
N CYS B 466 -13.15 -22.17 -20.09
CA CYS B 466 -13.25 -23.63 -20.19
C CYS B 466 -13.08 -24.20 -18.80
N PRO B 467 -13.98 -25.08 -18.32
CA PRO B 467 -13.78 -25.73 -17.05
C PRO B 467 -13.19 -27.12 -17.24
N ALA B 468 -13.02 -27.56 -18.48
CA ALA B 468 -12.51 -28.92 -18.78
C ALA B 468 -11.21 -28.82 -19.59
N LEU B 469 -10.95 -27.67 -20.21
CA LEU B 469 -9.63 -27.53 -20.88
C LEU B 469 -8.59 -27.50 -19.76
N ARG B 470 -9.01 -27.15 -18.55
CA ARG B 470 -8.09 -27.20 -17.38
C ARG B 470 -7.68 -28.65 -17.17
N GLN B 471 -8.61 -29.59 -17.32
CA GLN B 471 -8.31 -31.01 -17.06
C GLN B 471 -7.30 -31.52 -18.10
N LEU B 472 -7.48 -31.15 -19.36
CA LEU B 472 -6.47 -31.52 -20.37
C LEU B 472 -5.15 -30.94 -19.91
N LEU B 473 -5.16 -29.67 -19.55
CA LEU B 473 -3.90 -29.01 -19.15
C LEU B 473 -3.39 -29.71 -17.89
N GLY B 474 -4.27 -29.93 -16.92
CA GLY B 474 -3.87 -30.58 -15.66
C GLY B 474 -3.42 -32.02 -15.86
N GLY B 475 -4.16 -32.79 -16.67
CA GLY B 475 -3.83 -34.22 -16.87
C GLY B 475 -2.57 -34.42 -17.68
N VAL B 476 -2.42 -33.72 -18.80
CA VAL B 476 -1.16 -33.83 -19.58
C VAL B 476 -0.05 -33.24 -18.71
N MET B 477 -0.38 -32.23 -17.89
CA MET B 477 0.64 -31.71 -16.96
C MET B 477 1.12 -32.87 -16.08
N ALA B 478 0.21 -33.71 -15.62
CA ALA B 478 0.58 -34.83 -14.73
C ALA B 478 1.56 -35.77 -15.45
N ALA B 479 1.29 -36.10 -16.71
CA ALA B 479 2.16 -37.04 -17.46
C ALA B 479 3.54 -36.42 -17.64
N VAL B 480 3.59 -35.11 -17.86
CA VAL B 480 4.88 -34.39 -18.00
C VAL B 480 5.69 -34.49 -16.70
N CYS B 481 5.04 -34.72 -15.56
CA CYS B 481 5.75 -34.76 -14.25
C CYS B 481 6.18 -36.19 -13.92
N LEU B 482 5.37 -37.18 -14.26
CA LEU B 482 5.72 -38.58 -14.05
C LEU B 482 6.93 -38.93 -14.89
N GLN B 483 6.96 -38.49 -16.13
CA GLN B 483 8.29 -38.37 -16.70
C GLN B 483 8.92 -37.12 -16.12
N ILE B 484 10.25 -37.04 -16.11
CA ILE B 484 11.03 -36.14 -15.26
C ILE B 484 11.27 -36.87 -13.96
N GLU B 485 10.22 -37.33 -13.29
CA GLU B 485 10.47 -38.24 -12.17
C GLU B 485 11.15 -39.52 -12.66
N GLU B 486 10.56 -40.16 -13.66
CA GLU B 486 11.10 -41.41 -14.16
C GLU B 486 12.49 -41.22 -14.74
N THR B 487 12.73 -40.11 -15.43
CA THR B 487 14.05 -39.89 -15.98
C THR B 487 15.04 -39.51 -14.89
N ALA B 488 14.60 -38.71 -13.91
CA ALA B 488 15.46 -38.31 -12.82
C ALA B 488 15.95 -39.49 -12.03
N SER B 489 15.17 -40.57 -12.02
CA SER B 489 15.68 -41.79 -11.40
C SER B 489 17.01 -42.20 -11.99
N SER B 490 17.26 -41.88 -13.24
CA SER B 490 18.40 -42.40 -13.96
C SER B 490 19.46 -41.36 -14.28
N VAL B 491 19.29 -40.12 -13.82
CA VAL B 491 20.24 -39.09 -14.21
C VAL B 491 20.73 -38.36 -12.98
N LYS B 492 20.78 -39.07 -11.86
CA LYS B 492 21.42 -38.59 -10.64
C LYS B 492 20.77 -37.30 -10.17
N PHE B 493 19.46 -37.24 -10.32
CA PHE B 493 18.64 -36.12 -9.91
C PHE B 493 17.49 -36.67 -9.09
N ALA B 494 16.99 -35.86 -8.17
CA ALA B 494 15.92 -36.30 -7.28
C ALA B 494 14.97 -35.13 -7.13
N VAL B 495 13.87 -35.15 -7.87
CA VAL B 495 12.93 -34.05 -7.83
C VAL B 495 12.51 -33.80 -6.39
N CYS B 496 12.59 -32.55 -5.98
CA CYS B 496 12.28 -32.18 -4.62
C CYS B 496 11.10 -31.23 -4.50
N GLY B 497 10.59 -30.70 -5.59
CA GLY B 497 9.43 -29.84 -5.49
C GLY B 497 9.09 -29.19 -6.81
N GLY B 498 7.86 -28.73 -6.96
CA GLY B 498 7.49 -28.01 -8.15
C GLY B 498 6.16 -28.47 -8.68
N ASP B 499 6.00 -28.29 -9.99
CA ASP B 499 4.75 -28.51 -10.68
C ASP B 499 4.89 -29.21 -12.01
N GLY B 500 6.05 -29.21 -12.64
CA GLY B 500 6.25 -29.90 -13.88
C GLY B 500 6.56 -29.02 -15.06
N GLY B 501 6.37 -27.72 -14.92
CA GLY B 501 6.93 -26.78 -15.86
C GLY B 501 8.01 -26.01 -15.14
N ALA B 502 7.96 -26.05 -13.81
CA ALA B 502 8.96 -25.43 -12.95
C ALA B 502 9.20 -26.35 -11.77
N PHE B 503 10.45 -26.76 -11.59
CA PHE B 503 10.76 -27.73 -10.55
C PHE B 503 12.21 -27.58 -10.16
N TRP B 504 12.56 -28.19 -9.02
CA TRP B 504 13.89 -28.11 -8.47
C TRP B 504 14.23 -29.41 -7.77
N GLY B 505 15.51 -29.71 -7.67
CA GLY B 505 15.86 -30.91 -6.92
C GLY B 505 17.33 -30.94 -6.60
N VAL B 506 17.71 -32.01 -5.90
CA VAL B 506 19.07 -32.21 -5.42
C VAL B 506 19.71 -33.32 -6.21
N PHE B 507 20.92 -33.06 -6.69
CA PHE B 507 21.69 -34.08 -7.38
C PHE B 507 22.38 -34.93 -6.32
N ASN B 508 21.65 -35.91 -5.82
CA ASN B 508 22.23 -36.70 -4.73
C ASN B 508 23.20 -37.76 -5.25
N VAL B 509 24.10 -37.37 -6.15
CA VAL B 509 25.20 -38.24 -6.49
C VAL B 509 26.46 -37.40 -6.57
N ASP B 510 26.30 -36.09 -6.71
CA ASP B 510 27.48 -35.26 -6.87
C ASP B 510 28.32 -35.25 -5.59
N PRO B 511 29.61 -34.94 -5.70
CA PRO B 511 30.50 -35.05 -4.54
C PRO B 511 30.43 -33.87 -3.59
N GLN B 512 29.38 -33.08 -3.67
CA GLN B 512 29.22 -31.89 -2.84
C GLN B 512 30.35 -30.89 -3.06
N ASP B 513 31.01 -30.96 -4.21
CA ASP B 513 32.25 -30.23 -4.43
C ASP B 513 32.62 -30.45 -5.90
N ALA B 514 33.78 -29.94 -6.28
CA ALA B 514 34.40 -30.17 -7.59
C ALA B 514 33.66 -29.51 -8.77
N ASP B 515 34.37 -29.41 -9.90
CA ASP B 515 33.83 -28.85 -11.15
C ASP B 515 33.04 -29.86 -11.96
N ALA B 516 33.09 -31.15 -11.60
CA ALA B 516 32.23 -32.15 -12.22
C ALA B 516 30.84 -32.08 -11.61
N ALA B 517 30.26 -30.92 -11.71
CA ALA B 517 28.88 -30.62 -11.34
C ALA B 517 28.14 -29.93 -12.44
N SER B 518 28.82 -29.05 -13.18
CA SER B 518 28.23 -28.52 -14.40
C SER B 518 27.96 -29.64 -15.40
N GLY B 519 28.89 -30.59 -15.50
CA GLY B 519 28.69 -31.70 -16.42
C GLY B 519 27.47 -32.54 -16.09
N VAL B 520 27.29 -32.88 -14.82
CA VAL B 520 26.14 -33.69 -14.43
C VAL B 520 24.85 -32.91 -14.58
N ILE B 521 24.85 -31.62 -14.26
CA ILE B 521 23.62 -30.89 -14.44
C ILE B 521 23.29 -30.76 -15.91
N GLU B 522 24.30 -30.63 -16.76
CA GLU B 522 24.08 -30.58 -18.20
C GLU B 522 23.49 -31.89 -18.71
N ASP B 523 24.10 -33.01 -18.33
CA ASP B 523 23.56 -34.30 -18.73
C ASP B 523 22.13 -34.46 -18.28
N ALA B 524 21.81 -34.03 -17.06
CA ALA B 524 20.46 -34.16 -16.55
C ALA B 524 19.48 -33.30 -17.31
N ARG B 525 19.88 -32.08 -17.63
CA ARG B 525 19.00 -31.20 -18.36
C ARG B 525 18.73 -31.73 -19.76
N ARG B 526 19.77 -32.23 -20.44
CA ARG B 526 19.54 -32.84 -21.75
C ARG B 526 18.66 -34.06 -21.65
N ALA B 527 18.89 -34.91 -20.66
CA ALA B 527 18.09 -36.12 -20.55
C ALA B 527 16.64 -35.80 -20.30
N ILE B 528 16.37 -34.81 -19.47
CA ILE B 528 14.98 -34.49 -19.14
C ILE B 528 14.31 -33.75 -20.28
N GLU B 529 15.04 -32.88 -20.98
CA GLU B 529 14.50 -32.24 -22.17
C GLU B 529 14.10 -33.27 -23.20
N THR B 530 15.02 -34.18 -23.55
CA THR B 530 14.74 -35.19 -24.56
C THR B 530 13.67 -36.17 -24.12
N ALA B 531 13.62 -36.52 -22.84
CA ALA B 531 12.58 -37.44 -22.39
C ALA B 531 11.22 -36.78 -22.41
N VAL B 532 11.10 -35.54 -21.99
CA VAL B 532 9.80 -34.89 -22.01
C VAL B 532 9.35 -34.64 -23.44
N GLY B 533 10.28 -34.31 -24.32
CA GLY B 533 9.93 -34.21 -25.73
C GLY B 533 9.46 -35.53 -26.30
N ALA B 534 10.16 -36.62 -25.99
CA ALA B 534 9.76 -37.94 -26.46
C ALA B 534 8.38 -38.32 -25.95
N VAL B 535 8.09 -38.04 -24.68
CA VAL B 535 6.77 -38.36 -24.14
C VAL B 535 5.70 -37.58 -24.86
N LEU B 536 5.92 -36.28 -25.04
CA LEU B 536 4.87 -35.48 -25.65
C LEU B 536 4.62 -35.93 -27.08
N ARG B 537 5.68 -36.29 -27.81
CA ARG B 537 5.45 -36.88 -29.13
C ARG B 537 4.65 -38.16 -29.00
N ALA B 538 5.11 -39.08 -28.16
CA ALA B 538 4.49 -40.39 -28.05
C ALA B 538 2.99 -40.31 -27.83
N ASN B 539 2.47 -39.16 -27.42
CA ASN B 539 1.04 -38.94 -27.29
C ASN B 539 0.45 -38.13 -28.43
N ALA B 540 1.20 -37.90 -29.51
CA ALA B 540 0.77 -37.10 -30.67
C ALA B 540 0.54 -35.63 -30.33
N VAL B 541 1.23 -35.11 -29.31
CA VAL B 541 1.25 -33.66 -29.05
C VAL B 541 2.49 -33.09 -29.73
N ARG B 542 2.28 -32.17 -30.67
CA ARG B 542 3.36 -31.65 -31.51
C ARG B 542 3.60 -30.21 -31.15
N LEU B 543 4.84 -29.90 -30.78
CA LEU B 543 5.18 -28.60 -30.24
C LEU B 543 5.69 -27.68 -31.33
N ARG B 544 5.20 -26.44 -31.31
CA ARG B 544 5.65 -25.44 -32.27
C ARG B 544 7.15 -25.39 -32.34
N HIS B 545 7.80 -25.06 -31.24
CA HIS B 545 9.24 -24.99 -31.29
C HIS B 545 9.84 -25.88 -30.21
N PRO B 546 10.91 -26.60 -30.53
CA PRO B 546 11.34 -27.71 -29.66
C PRO B 546 11.65 -27.24 -28.25
N LEU B 547 11.30 -28.08 -27.28
CA LEU B 547 11.45 -27.71 -25.88
C LEU B 547 12.87 -27.32 -25.58
N CYS B 548 13.01 -26.31 -24.75
CA CYS B 548 14.27 -26.00 -24.11
C CYS B 548 14.05 -26.10 -22.62
N LEU B 549 14.90 -26.87 -21.95
CA LEU B 549 14.89 -26.96 -20.49
C LEU B 549 15.83 -25.90 -19.95
N ALA B 550 15.26 -24.87 -19.35
CA ALA B 550 16.07 -23.82 -18.77
C ALA B 550 16.76 -24.31 -17.51
N LEU B 551 17.92 -23.77 -17.24
CA LEU B 551 18.56 -23.93 -15.96
C LEU B 551 18.56 -22.57 -15.28
N GLU B 552 17.64 -22.37 -14.37
CA GLU B 552 17.43 -21.08 -13.76
C GLU B 552 18.26 -20.89 -12.51
N GLY B 553 19.23 -21.75 -12.27
CA GLY B 553 20.20 -21.50 -11.23
C GLY B 553 20.69 -22.77 -10.61
N VAL B 554 21.92 -22.72 -10.14
CA VAL B 554 22.55 -23.82 -9.44
C VAL B 554 22.87 -23.34 -8.04
N TYR B 555 22.38 -24.06 -7.07
CA TYR B 555 22.37 -23.68 -5.68
C TYR B 555 23.02 -24.80 -4.89
N THR B 556 23.14 -24.60 -3.57
CA THR B 556 23.75 -25.61 -2.72
C THR B 556 22.99 -25.83 -1.43
N HIS B 557 22.02 -25.00 -1.10
CA HIS B 557 21.16 -25.21 0.04
C HIS B 557 19.77 -24.79 -0.36
N ALA B 558 18.77 -25.39 0.28
CA ALA B 558 17.40 -24.97 0.05
C ALA B 558 16.58 -25.32 1.28
N VAL B 559 15.64 -24.46 1.63
CA VAL B 559 14.71 -24.70 2.72
C VAL B 559 13.30 -24.47 2.18
N ALA B 560 12.40 -25.37 2.51
CA ALA B 560 11.03 -25.32 2.03
C ALA B 560 10.11 -25.27 3.23
N TRP B 561 9.22 -24.29 3.24
CA TRP B 561 8.37 -24.06 4.38
C TRP B 561 6.88 -24.05 4.08
N SER B 562 6.49 -24.05 2.81
CA SER B 562 5.09 -24.14 2.45
C SER B 562 5.01 -24.95 1.17
N GLN B 563 3.85 -24.94 0.53
CA GLN B 563 3.79 -25.49 -0.81
C GLN B 563 4.58 -24.62 -1.78
N ALA B 564 4.32 -23.31 -1.75
CA ALA B 564 4.99 -22.38 -2.64
C ALA B 564 6.24 -21.75 -2.04
N GLY B 565 6.48 -21.91 -0.76
CA GLY B 565 7.57 -21.22 -0.12
C GLY B 565 8.87 -21.97 -0.09
N VAL B 566 9.85 -21.51 -0.86
CA VAL B 566 11.17 -22.12 -0.88
C VAL B 566 12.20 -21.02 -0.99
N TRP B 567 13.27 -21.15 -0.21
CA TRP B 567 14.42 -20.28 -0.29
C TRP B 567 15.60 -21.10 -0.74
N PHE B 568 16.38 -20.56 -1.66
CA PHE B 568 17.60 -21.18 -2.14
C PHE B 568 18.82 -20.33 -1.83
N TRP B 569 19.98 -20.96 -1.78
CA TRP B 569 21.21 -20.26 -1.44
C TRP B 569 22.39 -21.04 -1.97
N ASN B 570 23.38 -20.31 -2.45
CA ASN B 570 24.63 -20.85 -2.98
C ASN B 570 25.74 -20.43 -2.02
N SER B 571 26.39 -21.40 -1.40
CA SER B 571 27.48 -21.11 -0.47
C SER B 571 28.76 -20.74 -1.18
N ARG B 572 28.94 -21.23 -2.40
CA ARG B 572 30.15 -20.96 -3.16
C ARG B 572 30.24 -19.48 -3.53
N ASP B 573 29.14 -18.91 -3.99
CA ASP B 573 29.03 -17.49 -4.23
C ASP B 573 27.68 -17.05 -3.70
N ASN B 574 27.69 -16.08 -2.81
CA ASN B 574 26.58 -15.90 -1.89
C ASN B 574 25.39 -15.37 -2.67
N THR B 575 24.75 -16.26 -3.43
CA THR B 575 23.66 -15.91 -4.32
C THR B 575 22.46 -16.71 -3.89
N ASP B 576 21.27 -16.14 -4.02
CA ASP B 576 20.10 -16.80 -3.49
C ASP B 576 18.90 -16.56 -4.38
N HIS B 577 17.79 -17.19 -4.00
CA HIS B 577 16.48 -16.97 -4.58
C HIS B 577 15.44 -17.23 -3.52
N LEU B 578 14.47 -16.34 -3.38
CA LEU B 578 13.39 -16.55 -2.44
C LEU B 578 12.08 -16.50 -3.21
N GLY B 579 11.26 -17.50 -3.03
CA GLY B 579 9.93 -17.52 -3.60
C GLY B 579 8.95 -17.99 -2.56
N GLY B 580 7.76 -17.39 -2.60
CA GLY B 580 6.69 -17.72 -1.70
C GLY B 580 6.34 -16.62 -0.72
N PHE B 581 7.20 -15.63 -0.55
CA PHE B 581 6.88 -14.51 0.31
C PHE B 581 5.95 -13.54 -0.41
N PRO B 582 4.87 -13.10 0.22
CA PRO B 582 4.07 -12.03 -0.37
C PRO B 582 4.87 -10.76 -0.54
N LEU B 583 4.65 -10.08 -1.66
CA LEU B 583 5.12 -8.73 -1.89
C LEU B 583 3.89 -7.88 -2.16
N ARG B 584 3.24 -7.45 -1.09
CA ARG B 584 2.01 -6.67 -1.12
C ARG B 584 2.23 -5.18 -1.01
N GLY B 585 3.48 -4.74 -0.92
CA GLY B 585 3.81 -3.34 -0.85
C GLY B 585 5.30 -3.16 -0.70
N PRO B 586 5.74 -1.92 -0.47
CA PRO B 586 7.17 -1.70 -0.24
C PRO B 586 7.66 -2.24 1.10
N ALA B 587 6.81 -2.24 2.10
CA ALA B 587 7.20 -2.79 3.39
C ALA B 587 7.57 -4.25 3.24
N TYR B 588 6.83 -4.94 2.40
CA TYR B 588 7.05 -6.36 2.19
C TYR B 588 8.29 -6.62 1.37
N THR B 589 8.71 -5.71 0.49
CA THR B 589 9.99 -5.94 -0.18
C THR B 589 11.18 -5.68 0.74
N THR B 590 11.10 -4.67 1.62
CA THR B 590 12.15 -4.55 2.61
C THR B 590 12.19 -5.77 3.52
N ALA B 591 11.01 -6.27 3.89
CA ALA B 591 10.93 -7.46 4.71
C ALA B 591 11.52 -8.68 4.01
N ALA B 592 11.27 -8.83 2.72
CA ALA B 592 11.81 -9.96 2.00
C ALA B 592 13.32 -9.87 1.90
N GLY B 593 13.85 -8.67 1.73
CA GLY B 593 15.29 -8.51 1.80
C GLY B 593 15.84 -8.91 3.15
N VAL B 594 15.15 -8.53 4.22
CA VAL B 594 15.60 -8.90 5.55
C VAL B 594 15.56 -10.40 5.73
N VAL B 595 14.51 -11.06 5.24
CA VAL B 595 14.42 -12.51 5.37
C VAL B 595 15.53 -13.17 4.59
N ARG B 596 15.91 -12.60 3.47
CA ARG B 596 16.97 -13.22 2.69
C ARG B 596 18.33 -13.07 3.37
N ASP B 597 18.64 -11.87 3.85
CA ASP B 597 19.90 -11.69 4.58
C ASP B 597 19.93 -12.53 5.86
N THR B 598 18.80 -12.60 6.55
CA THR B 598 18.75 -13.41 7.76
C THR B 598 19.02 -14.86 7.46
N LEU B 599 18.39 -15.39 6.40
CA LEU B 599 18.66 -16.78 6.07
C LEU B 599 20.09 -16.99 5.62
N ARG B 600 20.71 -16.02 4.97
CA ARG B 600 22.11 -16.19 4.63
C ARG B 600 22.96 -16.38 5.88
N ARG B 601 22.79 -15.51 6.87
CA ARG B 601 23.55 -15.72 8.09
C ARG B 601 23.17 -17.03 8.77
N VAL B 602 21.87 -17.34 8.80
CA VAL B 602 21.41 -18.51 9.54
C VAL B 602 21.98 -19.78 8.96
N LEU B 603 22.03 -19.89 7.62
CA LEU B 603 22.67 -21.04 7.00
C LEU B 603 24.18 -20.88 6.93
N GLY B 604 24.72 -19.73 7.29
CA GLY B 604 26.14 -19.65 7.49
C GLY B 604 26.62 -20.35 8.74
N LEU B 605 25.71 -20.80 9.58
CA LEU B 605 26.08 -21.51 10.79
C LEU B 605 26.44 -22.96 10.53
N THR B 606 26.75 -23.31 9.31
CA THR B 606 27.05 -24.69 8.95
C THR B 606 28.22 -24.78 7.97
N ASP B 614 23.89 -23.88 16.59
CA ASP B 614 22.71 -24.63 16.93
C ASP B 614 21.43 -23.86 16.57
N ALA B 615 20.30 -24.31 17.13
CA ALA B 615 19.05 -23.64 16.88
C ALA B 615 18.91 -22.37 17.69
N LEU B 616 19.38 -22.35 18.94
CA LEU B 616 19.26 -21.14 19.75
C LEU B 616 20.01 -19.98 19.13
N THR B 617 21.24 -20.22 18.66
CA THR B 617 21.95 -19.13 17.99
C THR B 617 21.21 -18.67 16.75
N ALA B 618 20.52 -19.58 16.08
CA ALA B 618 19.67 -19.19 14.97
C ALA B 618 18.56 -18.27 15.45
N ARG B 619 17.90 -18.61 16.54
CA ARG B 619 16.84 -17.75 17.05
C ARG B 619 17.37 -16.38 17.44
N GLY B 620 18.59 -16.33 17.96
CA GLY B 620 19.20 -15.05 18.23
C GLY B 620 19.34 -14.21 16.97
N LEU B 621 19.84 -14.83 15.91
CA LEU B 621 19.98 -14.10 14.65
C LEU B 621 18.63 -13.66 14.11
N MET B 622 17.60 -14.49 14.27
CA MET B 622 16.29 -14.14 13.77
C MET B 622 15.68 -12.98 14.54
N GLU B 623 15.73 -13.02 15.86
CA GLU B 623 15.19 -11.91 16.63
C GLU B 623 16.01 -10.66 16.47
N ASP B 624 17.31 -10.78 16.27
CA ASP B 624 18.10 -9.60 15.94
C ASP B 624 17.63 -8.98 14.63
N ALA B 625 17.36 -9.81 13.61
CA ALA B 625 16.86 -9.28 12.34
C ALA B 625 15.51 -8.61 12.51
N CYS B 626 14.60 -9.22 13.26
CA CYS B 626 13.29 -8.60 13.45
C CYS B 626 13.40 -7.29 14.24
N ASP B 627 14.25 -7.26 15.27
CA ASP B 627 14.47 -6.02 16.00
C ASP B 627 14.92 -4.92 15.08
N ARG B 628 15.98 -5.19 14.31
CA ARG B 628 16.50 -4.14 13.45
C ARG B 628 15.47 -3.71 12.40
N LEU B 629 14.65 -4.66 11.97
CA LEU B 629 13.59 -4.33 11.02
C LEU B 629 12.54 -3.40 11.62
N ILE B 630 12.08 -3.68 12.84
CA ILE B 630 11.08 -2.81 13.44
C ILE B 630 11.64 -1.42 13.69
N LEU B 631 12.91 -1.33 14.06
CA LEU B 631 13.47 0.00 14.27
C LEU B 631 13.56 0.78 12.96
N ASP B 632 14.08 0.16 11.92
CA ASP B 632 14.14 0.87 10.65
C ASP B 632 12.75 1.13 10.06
N ALA B 633 11.74 0.38 10.49
CA ALA B 633 10.37 0.70 10.14
C ALA B 633 9.89 1.93 10.89
N PHE B 634 10.39 2.12 12.11
CA PHE B 634 10.07 3.34 12.84
C PHE B 634 10.58 4.56 12.09
N ASN B 635 11.77 4.48 11.50
CA ASN B 635 12.22 5.63 10.73
C ASN B 635 11.27 5.99 9.59
N LYS B 636 10.48 5.05 9.10
CA LYS B 636 9.51 5.30 8.05
C LYS B 636 8.09 5.22 8.57
N ARG B 637 7.86 5.77 9.75
CA ARG B 637 6.57 5.69 10.40
C ARG B 637 5.60 6.72 9.90
N LEU B 638 6.03 7.58 9.01
CA LEU B 638 5.16 8.58 8.43
C LEU B 638 4.86 8.32 6.97
N ASP B 639 5.64 7.48 6.32
CA ASP B 639 5.56 7.25 4.89
C ASP B 639 4.34 6.38 4.61
N ALA B 640 3.22 7.03 4.30
CA ALA B 640 1.98 6.29 4.08
C ALA B 640 2.10 5.35 2.89
N GLU B 641 2.73 5.80 1.82
CA GLU B 641 2.74 4.98 0.62
C GLU B 641 3.54 3.70 0.80
N TYR B 642 4.44 3.69 1.77
CA TYR B 642 5.31 2.55 2.05
C TYR B 642 4.56 1.44 2.78
N TRP B 643 3.66 1.79 3.65
CA TRP B 643 2.89 0.84 4.43
C TRP B 643 1.62 0.41 3.73
N SER B 644 1.32 0.98 2.56
CA SER B 644 0.12 0.64 1.85
C SER B 644 0.24 -0.75 1.23
N VAL B 645 -0.78 -1.55 1.41
CA VAL B 645 -0.87 -2.84 0.76
C VAL B 645 -1.79 -2.70 -0.43
N ARG B 646 -1.68 -3.64 -1.36
CA ARG B 646 -2.54 -3.75 -2.52
C ARG B 646 -3.60 -4.80 -2.26
N VAL B 647 -4.86 -4.45 -2.39
CA VAL B 647 -5.93 -5.39 -2.13
C VAL B 647 -6.76 -5.58 -3.41
N SER B 648 -6.93 -6.84 -3.82
CA SER B 648 -7.66 -7.20 -5.02
C SER B 648 -9.12 -6.86 -4.86
N PRO B 649 -9.91 -6.92 -5.93
CA PRO B 649 -11.37 -6.80 -5.79
C PRO B 649 -12.07 -8.04 -5.27
N PHE B 650 -11.32 -9.05 -4.87
CA PHE B 650 -11.90 -10.30 -4.40
C PHE B 650 -11.64 -10.49 -2.92
N GLU B 651 -10.39 -10.26 -2.49
CA GLU B 651 -10.06 -10.23 -1.07
C GLU B 651 -10.77 -9.09 -0.38
N ALA B 652 -11.68 -9.43 0.53
CA ALA B 652 -12.43 -8.44 1.26
C ALA B 652 -11.49 -7.52 2.02
N ASP B 654 -10.89 -3.12 3.67
CA ASP B 654 -11.45 -2.02 4.40
C ASP B 654 -12.50 -1.32 3.56
N PRO B 655 -13.58 -0.84 4.16
CA PRO B 655 -14.53 -0.03 3.42
C PRO B 655 -13.98 1.34 3.06
N LEU B 656 -14.62 1.96 2.09
CA LEU B 656 -14.21 3.26 1.59
C LEU B 656 -14.68 4.37 2.53
N PRO B 657 -13.81 5.32 2.85
CA PRO B 657 -14.29 6.56 3.40
C PRO B 657 -15.13 7.30 2.38
N PRO B 658 -16.25 7.91 2.79
CA PRO B 658 -16.98 8.77 1.87
C PRO B 658 -16.16 9.92 1.34
N THR B 659 -15.13 10.35 2.05
CA THR B 659 -14.28 11.42 1.57
C THR B 659 -13.51 11.01 0.32
N ALA B 660 -13.28 9.71 0.10
CA ALA B 660 -12.61 9.26 -1.11
C ALA B 660 -13.49 9.36 -2.34
N PHE B 661 -14.81 9.41 -2.17
CA PHE B 661 -15.69 9.47 -3.32
C PHE B 661 -15.57 10.78 -4.06
N ARG B 662 -14.86 11.74 -3.47
CA ARG B 662 -14.68 13.08 -4.08
C ARG B 662 -13.21 13.27 -4.46
N GLY B 663 -12.55 12.22 -4.92
CA GLY B 663 -11.19 12.33 -5.39
C GLY B 663 -11.09 12.71 -6.83
N GLY B 664 -12.21 12.99 -7.48
CA GLY B 664 -12.17 13.54 -8.82
C GLY B 664 -11.59 12.58 -9.82
N ALA B 665 -10.65 13.06 -10.60
CA ALA B 665 -10.09 12.30 -11.69
C ALA B 665 -8.99 11.35 -11.27
N LEU B 666 -8.94 10.95 -10.01
CA LEU B 666 -8.03 9.90 -9.59
C LEU B 666 -8.74 8.59 -9.34
N LEU B 667 -10.06 8.62 -9.14
CA LEU B 667 -10.82 7.39 -9.09
C LEU B 667 -10.73 6.63 -10.39
N ASP B 668 -10.46 7.35 -11.47
CA ASP B 668 -10.43 6.79 -12.81
C ASP B 668 -9.16 6.03 -13.10
N ALA B 669 -8.21 6.05 -12.18
CA ALA B 669 -7.02 5.22 -12.27
C ALA B 669 -7.16 3.95 -11.46
N GLU B 670 -8.31 3.73 -10.86
CA GLU B 670 -8.53 2.56 -10.02
C GLU B 670 -9.31 1.54 -10.83
N HIS B 671 -8.59 0.67 -11.53
CA HIS B 671 -9.25 -0.40 -12.26
C HIS B 671 -9.03 -1.76 -11.64
N TYR B 672 -7.84 -2.09 -11.14
CA TYR B 672 -7.69 -3.35 -10.43
C TYR B 672 -7.31 -3.18 -8.97
N TRP B 673 -6.15 -2.66 -8.64
CA TRP B 673 -5.67 -2.71 -7.27
C TRP B 673 -6.14 -1.49 -6.50
N ARG B 674 -6.49 -1.70 -5.23
CA ARG B 674 -6.68 -0.62 -4.28
C ARG B 674 -5.57 -0.68 -3.25
N ARG B 675 -4.92 0.45 -3.06
CA ARG B 675 -3.74 0.53 -2.22
C ARG B 675 -4.17 1.23 -0.94
N VAL B 676 -4.13 0.50 0.17
CA VAL B 676 -4.74 0.90 1.42
C VAL B 676 -3.72 0.86 2.55
N VAL B 677 -3.70 1.90 3.38
CA VAL B 677 -3.02 1.88 4.66
C VAL B 677 -4.06 1.74 5.76
N ARG B 678 -3.59 1.54 6.97
CA ARG B 678 -4.47 1.54 8.10
C ARG B 678 -3.87 2.28 9.28
N SER B 686 -8.19 1.99 14.46
CA SER B 686 -7.61 1.79 13.13
C SER B 686 -8.66 1.88 12.02
N VAL B 687 -8.38 2.70 11.02
CA VAL B 687 -9.33 3.00 9.95
C VAL B 687 -8.56 3.01 8.64
N GLY B 688 -9.19 2.47 7.59
CA GLY B 688 -8.52 2.28 6.32
C GLY B 688 -8.55 3.52 5.44
N VAL B 689 -7.43 3.75 4.75
CA VAL B 689 -7.25 4.88 3.87
C VAL B 689 -6.83 4.42 2.47
N PRO B 690 -7.64 4.62 1.48
CA PRO B 690 -7.20 4.40 0.10
C PRO B 690 -6.29 5.50 -0.39
N VAL B 691 -4.98 5.33 -0.21
CA VAL B 691 -4.02 6.42 -0.38
C VAL B 691 -4.04 7.05 -1.76
N ASP B 692 -4.78 6.51 -2.72
CA ASP B 692 -4.73 7.05 -4.07
C ASP B 692 -5.98 7.81 -4.45
N LEU B 693 -7.04 7.72 -3.69
CA LEU B 693 -8.23 8.51 -3.91
C LEU B 693 -8.19 9.86 -3.22
N TYR B 694 -7.01 10.36 -2.88
CA TYR B 694 -6.79 11.64 -2.22
C TYR B 694 -5.62 12.36 -2.88
N PRO B 695 -5.71 13.67 -3.06
CA PRO B 695 -4.60 14.41 -3.64
C PRO B 695 -3.37 14.30 -2.75
N ARG B 696 -2.28 14.80 -3.25
CA ARG B 696 -1.01 14.72 -2.56
C ARG B 696 -0.57 16.09 -2.07
N PRO B 697 0.14 16.18 -0.93
CA PRO B 697 0.53 15.14 0.00
C PRO B 697 -0.55 14.84 1.01
N LEU B 698 -0.53 13.64 1.57
CA LEU B 698 -1.56 13.22 2.50
C LEU B 698 -1.39 13.97 3.82
N VAL B 699 -2.48 14.07 4.56
CA VAL B 699 -2.46 14.59 5.91
C VAL B 699 -3.23 13.63 6.80
N LEU B 700 -2.48 12.83 7.55
CA LEU B 700 -2.92 11.59 8.14
C LEU B 700 -2.64 11.60 9.63
N PRO B 701 -3.46 10.92 10.43
CA PRO B 701 -3.01 10.47 11.72
C PRO B 701 -1.82 9.55 11.56
N PRO B 702 -1.17 9.14 12.64
CA PRO B 702 -0.05 8.22 12.48
C PRO B 702 -0.52 6.95 11.81
N VAL B 703 0.32 6.42 10.96
CA VAL B 703 -0.04 5.19 10.27
C VAL B 703 0.10 4.04 11.23
N ASP B 704 -0.84 3.10 11.16
CA ASP B 704 -0.90 2.01 12.11
C ASP B 704 0.24 1.05 11.83
N CYS B 705 1.48 1.47 12.10
CA CYS B 705 2.62 0.61 11.83
C CYS B 705 2.62 -0.67 12.65
N ALA B 706 1.90 -0.72 13.75
CA ALA B 706 1.82 -1.97 14.50
C ALA B 706 0.98 -3.00 13.76
N HIS B 707 -0.16 -2.59 13.20
CA HIS B 707 -0.97 -3.51 12.39
C HIS B 707 -0.16 -4.08 11.23
N HIS B 708 0.55 -3.22 10.52
CA HIS B 708 1.25 -3.64 9.34
C HIS B 708 2.47 -4.48 9.68
N LEU B 709 3.18 -4.10 10.74
CA LEU B 709 4.29 -4.92 11.15
C LEU B 709 3.83 -6.25 11.71
N ARG B 710 2.64 -6.30 12.28
CA ARG B 710 2.10 -7.57 12.74
C ARG B 710 1.86 -8.50 11.58
N GLU B 711 1.23 -8.00 10.52
CA GLU B 711 1.09 -8.80 9.31
C GLU B 711 2.43 -9.30 8.82
N ILE B 712 3.37 -8.39 8.65
CA ILE B 712 4.66 -8.74 8.09
C ILE B 712 5.37 -9.75 8.97
N LEU B 713 5.25 -9.59 10.29
CA LEU B 713 5.89 -10.50 11.20
C LEU B 713 5.24 -11.86 11.15
N ARG B 714 3.94 -11.93 10.88
CA ARG B 714 3.34 -13.24 10.74
C ARG B 714 3.91 -13.98 9.52
N GLU B 715 4.08 -13.27 8.41
CA GLU B 715 4.70 -13.94 7.26
C GLU B 715 6.17 -14.30 7.52
N ILE B 716 6.92 -13.40 8.14
CA ILE B 716 8.32 -13.71 8.40
C ILE B 716 8.39 -14.86 9.39
N GLU B 717 7.40 -14.98 10.26
CA GLU B 717 7.41 -16.06 11.22
C GLU B 717 7.05 -17.38 10.58
N LEU B 718 6.21 -17.37 9.55
CA LEU B 718 6.06 -18.58 8.74
C LEU B 718 7.40 -19.01 8.18
N VAL B 719 8.12 -18.07 7.56
CA VAL B 719 9.41 -18.41 6.97
C VAL B 719 10.35 -18.97 8.02
N PHE B 720 10.39 -18.34 9.19
CA PHE B 720 11.38 -18.69 10.20
C PHE B 720 11.02 -19.96 10.92
N THR B 721 9.74 -20.19 11.20
CA THR B 721 9.35 -21.47 11.74
C THR B 721 9.72 -22.57 10.76
N GLY B 722 9.50 -22.33 9.48
CA GLY B 722 9.90 -23.32 8.49
C GLY B 722 11.38 -23.63 8.56
N VAL B 723 12.21 -22.60 8.62
CA VAL B 723 13.64 -22.87 8.56
C VAL B 723 14.13 -23.56 9.82
N LEU B 724 13.65 -23.12 10.98
CA LEU B 724 14.08 -23.76 12.22
C LEU B 724 13.61 -25.20 12.29
N ALA B 725 12.36 -25.47 11.94
CA ALA B 725 11.88 -26.85 11.93
C ALA B 725 12.64 -27.68 10.92
N GLY B 726 12.90 -27.12 9.74
CA GLY B 726 13.47 -27.92 8.68
C GLY B 726 14.93 -28.22 8.86
N VAL B 727 15.72 -27.24 9.28
CA VAL B 727 17.15 -27.45 9.33
C VAL B 727 17.59 -28.03 10.66
N TRP B 728 17.05 -27.58 11.78
CA TRP B 728 17.50 -28.04 13.09
C TRP B 728 16.48 -28.90 13.81
N GLY B 729 15.36 -29.20 13.21
CA GLY B 729 14.48 -30.14 13.85
C GLY B 729 13.84 -29.63 15.10
N GLU B 730 13.75 -28.30 15.25
CA GLU B 730 13.02 -27.73 16.38
C GLU B 730 11.53 -27.85 16.16
N GLY B 731 10.85 -28.35 17.16
CA GLY B 731 9.41 -28.27 17.11
C GLY B 731 8.87 -26.92 17.51
N GLY B 732 9.74 -26.00 17.90
CA GLY B 732 9.29 -24.74 18.41
C GLY B 732 8.95 -23.72 17.36
N LYS B 733 7.66 -23.39 17.24
CA LYS B 733 7.27 -22.30 16.39
C LYS B 733 7.98 -21.04 16.82
N PHE B 734 8.63 -20.38 15.88
CA PHE B 734 9.27 -19.12 16.17
C PHE B 734 8.21 -18.04 16.35
N VAL B 735 8.31 -17.29 17.45
CA VAL B 735 7.39 -16.22 17.77
C VAL B 735 8.20 -14.98 18.10
N TYR B 736 7.72 -13.83 17.67
CA TYR B 736 8.39 -12.59 17.98
C TYR B 736 7.60 -11.81 19.00
N PRO B 737 8.21 -11.39 20.08
CA PRO B 737 7.49 -10.58 21.06
C PRO B 737 7.35 -9.15 20.58
N PHE B 738 6.16 -8.82 20.10
CA PHE B 738 5.89 -7.48 19.59
C PHE B 738 5.12 -6.65 20.60
N ASP B 739 4.01 -7.16 21.09
CA ASP B 739 3.25 -6.44 22.09
C ASP B 739 4.06 -6.15 23.33
N ASP B 740 5.14 -6.90 23.56
CA ASP B 740 5.96 -6.76 24.75
C ASP B 740 7.14 -5.84 24.51
N LYS B 741 8.02 -6.16 23.57
CA LYS B 741 8.98 -5.19 23.10
C LYS B 741 8.61 -4.73 21.70
N MET B 742 8.78 -3.44 21.49
CA MET B 742 8.63 -2.66 20.27
C MET B 742 7.19 -2.26 19.98
N SER B 743 6.22 -2.69 20.77
CA SER B 743 4.86 -2.17 20.58
C SER B 743 4.78 -0.70 20.90
N PHE B 744 5.46 -0.26 21.96
CA PHE B 744 5.36 1.10 22.46
C PHE B 744 5.71 2.13 21.40
N LEU B 745 6.57 1.76 20.45
CA LEU B 745 7.04 2.74 19.48
C LEU B 745 5.92 3.28 18.62
N PHE B 746 4.78 2.60 18.59
CA PHE B 746 3.68 2.99 17.74
C PHE B 746 2.40 3.06 18.56
N ALA B 747 2.49 3.64 19.74
CA ALA B 747 1.33 3.76 20.61
C ALA B 747 0.96 5.23 20.83
#